data_9AYH
#
_entry.id   9AYH
#
_cell.length_a   1.00
_cell.length_b   1.00
_cell.length_c   1.00
_cell.angle_alpha   90.00
_cell.angle_beta   90.00
_cell.angle_gamma   90.00
#
_symmetry.space_group_name_H-M   'P 1'
#
loop_
_entity.id
_entity.type
_entity.pdbx_description
1 polymer 'Voltage-dependent T-type calcium channel subunit alpha-1H'
2 non-polymer 2-(4-cyclopropylphenyl)-N-{(1R)-1-[5-(2,2,2-trifluoroethoxy)pyridin-2-yl]ethyl}acetamide
3 non-polymer 2-acetamido-2-deoxy-beta-D-glucopyranose
4 non-polymer 'CALCIUM ION'
5 non-polymer 1-O-OCTADECYL-SN-GLYCERO-3-PHOSPHOCHOLINE
6 non-polymer 'CHOLESTEROL HEMISUCCINATE'
7 non-polymer '[(2~{R})-3-[2-azanylethoxy(oxidanyl)phosphoryl]oxy-2-pentadecanoyloxy-propyl] pentadecanoate'
#
_entity_poly.entity_id   1
_entity_poly.type   'polypeptide(L)'
_entity_poly.pdbx_seq_one_letter_code
;MASWSHPQFEKGGGARGGSGGGSWSHPQFEKGFDYKDDDDKGTMTEGARAADEVRVPLGAPPPGPAALVGASPESPGAPG
REAERGSELGVSPSESPAAERGAELGADEEQRVPYPALAATVFFCLGQTTRPRSWCLRLVCNPWFEHVSMLVIMLNCVTL
GMFRPCEDVECGSERCNILEAFDAFIFAFFAVEMVIKMVALGLFGQKCYLGDTWNRLDFFIVVAGMMEYSLDGHNVSLSA
IRTVRVLRPLRAINRVPSMRILVTLLLDTLPMLGNVLLLCFFVFFIFGIVGVQLWAGLLRNRCFLDSAFVRNNNLTFLRP
YYQTEEGEENPFICSSRRDNGMQKCSHIPGRRELRMPCTLGWEAYTQPQAEGVGAARNACINWNQYYNVCRSGDSNPHNG
AINFDNIGYAWIAIFQVITLEGWVDIMYYVMDAHSFYNFIYFILLIIVGSFFMINLCLVVIATQFSETKQRESQLMREQR
ARHLSNDSTLASFSEPGSCYEELLKYVGHIFRKVKRRSLRLYARWQSRWRKKVDPGWMGRLWVTFSGKLRRIVDSKYFSR
GIMMAILVNTLSMGVEYHEQPEELTNALEISNIVFTSMFALEMLLKLLACGPLGYIRNPYNIFDGIIVVISVWEIVGQAD
GGLSVLRTFRLLRVLKLVRFLPALRRQLVVLVKTMDNVATFCTLLMLFIFIFSILGMHLFGCKFSLKTDTGDTVPDRKNF
DSLLWAIVTVFQILTQEDWNVVLYNGMASTSSWAALYFVALMTFGNYVLFNLLVAILVEGFQAEGDANRSDTDEDKTSVH
FEEDFHKLRELQTTELKMCSLAVTPNGHLEGRGSLSPPLIMCTAATPMPTPKSSPFLDAAPSLPDSRRGSSSSGDPPLGD
QKPPASLRSSPCAPWGPSGAWSSRRSSWSSLGRAPSLKRRGQCGERESLLSGEGKGSTDDEAEDGRAAPGPRATPLRRAE
SLDPRPLRPAALPPTKCRDRDGQVVALPSDFFLRIDSHREDAAELDDDSEDSCCLRLHKVLEPYKPQWCRSREAWALYLF
SPQNRFRVSCQKVITHKMFDHVVLVFIFLNCVTIALERPDIDPGSTERVFLSVSNYIFTAIFVAEMMVKVVALGLLSGEH
AYLQSSWNLLDGLLVLVSLVDIVVAMASAGGAKILGVLRVLRLLRTLRPLRVISRAPGLKLVVETLISSLRPIGNIVLIC
CAFFIIFGILGVQLFKGKFYYCEGPDTRNISTKAQCRAAHYRWVRRKYNFDNLGQALMSLFVLSSKDGWVNIMYDGLDAV
GVDQQPVQNHNPWMLLYFISFLLIVSFFVLNMFVGVVVENFHKCRQHQEAEEARRREEKRLRRLERRRRSTFPSPEAQRR
PYYADYSPTRRSIHSLCTSHYLDLFITFIICVNVITMSMEHYNQPKSLDEALKYCNYVFTIVFVFEAALKLVAFGFRRFF
KDRWNQLDLAIVLLSLMGITLEEIEMSAALPINPTIIRIMRVLRIARVLKLLKMATGMRALLDTVVQALPQVGNLGLLFM
LLFFIYAALGVELFGRLECSEDNPCEGLSRHATFSNFGMAFLTLFRVSTGDNWNGIMKDTLRECSREDKHCLSYLPALSP
VYFVTFVLVAQFVLVNVVVAVLMKHLEESNKEAREDAELDAEIELEMAQGPGSARRVDADRPPLPQESPGARDAPNLVAR
KVSVSRMLSLPNDSYMFRPVVPASAPHPRPLQEVEMETYGAGTPLGSVASVHSPPAESCASLQIPLAVSSPARSGEPLHA
LSPRGTARSPSLSRLLCRQEAVHTDSLEGKIDSPRDTLDPAEPGEKTPVRPVTQGGSLQSPPRSPRPASVRTRKHTFGQR
CVSSRPAAPGGEEAEASDPADEEVSHITSSACPWQPTAEPHGPEASPVAGGERDLRRLYSVDAQGFLDKPGRADEQWRPS
AELGSGEPGEAKAWGPEAEPALGARRKKKMSPPCISVEPPAEDEGSARPSAAEGGSTTLRRRTPSCEATPHRDSLEPTEG
SGAGGDPAAKGERWGQASCRAEHLTVPSFAFEPLDLGVPSGDPFLDGSHSVTPESRASSSGAIVPLEPPESEPPMPVGDP
PEKRRGLYLTVPQCPLEKPGSPSATPAPGGGADDPV
;
_entity_poly.pdbx_strand_id   A
#
# COMPACT_ATOMS: atom_id res chain seq x y z
N LEU A 139 -39.17 36.08 3.21
CA LEU A 139 -39.12 34.72 2.60
C LEU A 139 -37.68 34.27 2.40
N VAL A 140 -37.00 34.87 1.42
CA VAL A 140 -35.62 34.52 1.14
C VAL A 140 -34.64 35.42 1.89
N CYS A 141 -35.03 36.68 2.14
CA CYS A 141 -34.11 37.61 2.80
C CYS A 141 -33.77 37.14 4.21
N ASN A 142 -34.76 36.66 4.95
CA ASN A 142 -34.54 36.31 6.35
C ASN A 142 -33.54 35.16 6.44
N PRO A 143 -32.48 35.28 7.25
CA PRO A 143 -31.52 34.18 7.37
C PRO A 143 -32.14 32.89 7.90
N TRP A 144 -33.17 32.99 8.74
CA TRP A 144 -33.77 31.79 9.31
C TRP A 144 -34.32 30.85 8.25
N PHE A 145 -34.59 31.35 7.04
CA PHE A 145 -35.02 30.47 5.97
C PHE A 145 -33.93 29.44 5.64
N GLU A 146 -32.67 29.87 5.65
CA GLU A 146 -31.58 28.93 5.40
C GLU A 146 -31.58 27.82 6.43
N HIS A 147 -31.81 28.16 7.71
CA HIS A 147 -31.90 27.14 8.74
C HIS A 147 -33.06 26.18 8.46
N VAL A 148 -34.18 26.71 7.98
CA VAL A 148 -35.30 25.84 7.61
C VAL A 148 -34.89 24.89 6.50
N SER A 149 -34.18 25.40 5.49
CA SER A 149 -33.70 24.53 4.42
C SER A 149 -32.72 23.49 4.96
N MET A 150 -31.80 23.91 5.83
CA MET A 150 -30.85 22.96 6.41
C MET A 150 -31.57 21.89 7.21
N LEU A 151 -32.65 22.25 7.91
CA LEU A 151 -33.42 21.26 8.65
C LEU A 151 -33.99 20.21 7.70
N VAL A 152 -34.56 20.64 6.58
CA VAL A 152 -35.14 19.70 5.62
C VAL A 152 -34.04 18.85 4.99
N ILE A 153 -32.87 19.44 4.76
CA ILE A 153 -31.77 18.70 4.14
C ILE A 153 -31.42 17.48 4.98
N MET A 154 -31.23 17.68 6.29
CA MET A 154 -30.89 16.57 7.16
C MET A 154 -32.00 15.54 7.19
N LEU A 155 -33.26 15.99 7.18
CA LEU A 155 -34.39 15.07 7.15
C LEU A 155 -34.42 14.27 5.85
N ASN A 156 -33.79 14.76 4.78
CA ASN A 156 -33.71 13.99 3.55
C ASN A 156 -32.57 12.98 3.61
N CYS A 157 -31.46 13.33 4.27
CA CYS A 157 -30.35 12.40 4.39
C CYS A 157 -30.75 11.16 5.20
N VAL A 158 -31.49 11.37 6.30
CA VAL A 158 -31.97 10.23 7.09
C VAL A 158 -32.95 9.41 6.28
N THR A 159 -33.76 10.06 5.44
CA THR A 159 -34.71 9.33 4.60
C THR A 159 -33.96 8.42 3.63
N LEU A 160 -32.87 8.91 3.04
CA LEU A 160 -32.09 8.08 2.12
C LEU A 160 -31.44 6.91 2.85
N GLY A 161 -30.95 7.14 4.07
CA GLY A 161 -30.22 6.10 4.79
C GLY A 161 -31.08 4.95 5.27
N MET A 162 -32.39 5.16 5.36
CA MET A 162 -33.30 4.10 5.81
C MET A 162 -33.63 3.10 4.72
N PHE A 163 -33.17 3.34 3.49
CA PHE A 163 -33.47 2.43 2.39
C PHE A 163 -32.94 1.04 2.68
N ARG A 164 -33.74 0.03 2.36
CA ARG A 164 -33.36 -1.37 2.47
C ARG A 164 -33.35 -1.97 1.07
N PRO A 165 -32.20 -2.43 0.56
CA PRO A 165 -32.11 -2.72 -0.89
C PRO A 165 -33.20 -3.64 -1.42
N CYS A 166 -33.39 -4.83 -0.85
CA CYS A 166 -34.41 -5.75 -1.31
C CYS A 166 -35.44 -6.04 -0.21
N GLU A 167 -35.79 -5.01 0.54
CA GLU A 167 -37.05 -4.95 1.27
C GLU A 167 -37.94 -3.81 0.82
N ASP A 168 -37.41 -2.82 0.09
CA ASP A 168 -38.20 -1.72 -0.45
C ASP A 168 -38.41 -1.82 -1.96
N VAL A 169 -37.60 -2.62 -2.65
CA VAL A 169 -37.76 -2.76 -4.11
C VAL A 169 -39.14 -3.30 -4.44
N GLU A 170 -39.61 -4.29 -3.67
CA GLU A 170 -40.96 -4.79 -3.89
C GLU A 170 -42.01 -3.71 -3.62
N CYS A 171 -41.74 -2.82 -2.67
CA CYS A 171 -42.67 -1.74 -2.32
C CYS A 171 -44.01 -2.29 -1.84
N GLY A 172 -43.99 -3.47 -1.23
CA GLY A 172 -45.20 -4.10 -0.73
C GLY A 172 -45.42 -3.88 0.75
N SER A 173 -44.47 -3.22 1.42
CA SER A 173 -44.54 -3.03 2.85
C SER A 173 -45.20 -1.68 3.18
N GLU A 174 -45.70 -1.59 4.42
CA GLU A 174 -46.28 -0.33 4.89
C GLU A 174 -45.19 0.68 5.23
N ARG A 175 -44.06 0.20 5.75
CA ARG A 175 -42.97 1.12 6.09
C ARG A 175 -42.47 1.86 4.87
N CYS A 176 -42.35 1.17 3.73
CA CYS A 176 -41.95 1.84 2.50
C CYS A 176 -42.98 2.87 2.07
N ASN A 177 -44.26 2.55 2.24
CA ASN A 177 -45.32 3.45 1.77
C ASN A 177 -45.25 4.79 2.48
N ILE A 178 -45.03 4.79 3.79
CA ILE A 178 -44.88 6.06 4.50
C ILE A 178 -43.60 6.77 4.07
N LEU A 179 -42.55 6.00 3.79
CA LEU A 179 -41.27 6.60 3.41
C LEU A 179 -41.38 7.30 2.06
N GLU A 180 -41.91 6.61 1.04
CA GLU A 180 -42.04 7.24 -0.27
C GLU A 180 -42.91 8.49 -0.20
N ALA A 181 -43.94 8.46 0.64
CA ALA A 181 -44.72 9.67 0.87
C ALA A 181 -43.86 10.75 1.50
N PHE A 182 -43.00 10.37 2.46
CA PHE A 182 -42.10 11.35 3.07
C PHE A 182 -41.15 11.92 2.03
N ASP A 183 -40.61 11.08 1.15
CA ASP A 183 -39.73 11.57 0.09
C ASP A 183 -40.49 12.52 -0.84
N ALA A 184 -41.73 12.18 -1.17
CA ALA A 184 -42.52 13.05 -2.04
C ALA A 184 -42.74 14.41 -1.40
N PHE A 185 -43.01 14.43 -0.08
CA PHE A 185 -43.18 15.69 0.62
C PHE A 185 -41.92 16.54 0.54
N ILE A 186 -40.75 15.92 0.72
CA ILE A 186 -39.50 16.68 0.70
C ILE A 186 -39.28 17.29 -0.68
N PHE A 187 -39.55 16.54 -1.74
CA PHE A 187 -39.38 17.08 -3.09
C PHE A 187 -40.28 18.29 -3.31
N ALA A 188 -41.49 18.25 -2.76
CA ALA A 188 -42.39 19.40 -2.89
C ALA A 188 -41.78 20.65 -2.28
N PHE A 189 -41.15 20.51 -1.11
CA PHE A 189 -40.50 21.66 -0.49
C PHE A 189 -39.40 22.21 -1.38
N PHE A 190 -38.56 21.33 -1.92
CA PHE A 190 -37.45 21.79 -2.76
C PHE A 190 -37.98 22.46 -4.02
N ALA A 191 -39.01 21.88 -4.65
CA ALA A 191 -39.60 22.52 -5.80
C ALA A 191 -40.23 23.85 -5.44
N VAL A 192 -40.91 23.91 -4.29
CA VAL A 192 -41.52 25.16 -3.85
C VAL A 192 -40.45 26.22 -3.62
N GLU A 193 -39.36 25.85 -2.95
CA GLU A 193 -38.30 26.81 -2.66
C GLU A 193 -37.66 27.30 -3.95
N MET A 194 -37.37 26.39 -4.88
CA MET A 194 -36.69 26.79 -6.11
C MET A 194 -37.56 27.74 -6.92
N VAL A 195 -38.87 27.49 -6.96
CA VAL A 195 -39.77 28.42 -7.65
C VAL A 195 -39.70 29.80 -7.00
N ILE A 196 -39.70 29.84 -5.66
CA ILE A 196 -39.64 31.11 -4.97
C ILE A 196 -38.33 31.83 -5.28
N LYS A 197 -37.22 31.11 -5.20
CA LYS A 197 -35.92 31.74 -5.45
C LYS A 197 -35.82 32.24 -6.88
N MET A 198 -36.29 31.44 -7.85
CA MET A 198 -36.25 31.87 -9.24
C MET A 198 -37.11 33.11 -9.46
N VAL A 199 -38.28 33.16 -8.82
CA VAL A 199 -39.12 34.36 -8.93
C VAL A 199 -38.40 35.55 -8.34
N ALA A 200 -37.80 35.38 -7.15
CA ALA A 200 -37.14 36.50 -6.48
C ALA A 200 -35.89 36.94 -7.22
N LEU A 201 -35.12 35.99 -7.75
CA LEU A 201 -33.83 36.30 -8.35
C LEU A 201 -33.81 36.18 -9.87
N GLY A 202 -34.69 35.38 -10.46
CA GLY A 202 -34.66 35.18 -11.89
C GLY A 202 -33.49 34.32 -12.31
N LEU A 203 -33.19 34.39 -13.61
CA LEU A 203 -32.08 33.63 -14.17
C LEU A 203 -30.80 34.45 -14.15
N ASP A 212 -23.71 31.83 -9.99
CA ASP A 212 -23.85 31.01 -8.79
C ASP A 212 -23.92 29.53 -9.15
N THR A 213 -22.76 28.86 -9.07
CA THR A 213 -22.71 27.45 -9.45
C THR A 213 -23.59 26.59 -8.57
N TRP A 214 -23.58 26.86 -7.25
CA TRP A 214 -24.38 26.05 -6.34
C TRP A 214 -25.85 26.13 -6.69
N ASN A 215 -26.32 27.30 -7.12
CA ASN A 215 -27.72 27.43 -7.52
C ASN A 215 -28.03 26.53 -8.72
N ARG A 216 -27.10 26.46 -9.68
CA ARG A 216 -27.32 25.58 -10.82
C ARG A 216 -27.42 24.12 -10.39
N LEU A 217 -26.57 23.70 -9.45
CA LEU A 217 -26.62 22.32 -8.96
C LEU A 217 -27.99 22.00 -8.40
N ASP A 218 -28.49 22.85 -7.49
CA ASP A 218 -29.81 22.62 -6.92
C ASP A 218 -30.88 22.57 -8.01
N PHE A 219 -30.70 23.37 -9.07
CA PHE A 219 -31.61 23.28 -10.22
C PHE A 219 -31.50 21.92 -10.89
N PHE A 220 -30.28 21.37 -10.97
CA PHE A 220 -30.10 20.06 -11.59
C PHE A 220 -30.82 18.97 -10.80
N ILE A 221 -30.73 19.01 -9.47
CA ILE A 221 -31.38 17.99 -8.65
C ILE A 221 -32.89 18.05 -8.85
N VAL A 222 -33.46 19.26 -8.85
CA VAL A 222 -34.90 19.39 -9.02
C VAL A 222 -35.33 18.83 -10.38
N VAL A 223 -34.57 19.13 -11.42
CA VAL A 223 -34.90 18.63 -12.75
C VAL A 223 -34.83 17.11 -12.77
N ALA A 224 -33.75 16.55 -12.22
CA ALA A 224 -33.61 15.09 -12.20
C ALA A 224 -34.71 14.45 -11.38
N GLY A 225 -35.01 15.01 -10.20
CA GLY A 225 -36.08 14.45 -9.38
C GLY A 225 -37.42 14.51 -10.08
N MET A 226 -37.70 15.61 -10.78
CA MET A 226 -38.95 15.72 -11.52
C MET A 226 -39.05 14.65 -12.59
N MET A 227 -37.95 14.39 -13.31
CA MET A 227 -37.95 13.33 -14.31
C MET A 227 -38.25 11.99 -13.66
N GLU A 228 -37.61 11.70 -12.53
CA GLU A 228 -37.92 10.47 -11.80
C GLU A 228 -39.36 10.47 -11.31
N TYR A 229 -39.81 11.61 -10.76
CA TYR A 229 -41.15 11.67 -10.19
C TYR A 229 -42.22 11.61 -11.27
N SER A 230 -42.05 12.40 -12.34
CA SER A 230 -43.06 12.45 -13.39
C SER A 230 -43.09 11.16 -14.20
N LEU A 231 -41.93 10.51 -14.38
CA LEU A 231 -41.88 9.29 -15.17
C LEU A 231 -42.55 8.11 -14.49
N ASP A 232 -42.95 8.26 -13.22
CA ASP A 232 -43.63 7.17 -12.53
C ASP A 232 -44.85 6.71 -13.32
N GLY A 233 -45.04 5.40 -13.38
CA GLY A 233 -46.04 4.79 -14.23
C GLY A 233 -45.46 4.06 -15.43
N HIS A 234 -44.19 4.30 -15.75
CA HIS A 234 -43.48 3.58 -16.79
C HIS A 234 -42.51 2.61 -16.13
N ASN A 235 -42.69 1.31 -16.41
CA ASN A 235 -41.89 0.28 -15.77
C ASN A 235 -40.52 0.11 -16.40
N VAL A 236 -40.22 0.83 -17.49
CA VAL A 236 -38.95 0.68 -18.18
C VAL A 236 -37.88 1.44 -17.39
N SER A 237 -37.03 0.70 -16.69
CA SER A 237 -35.90 1.28 -15.96
C SER A 237 -36.36 2.34 -14.97
N LEU A 238 -37.45 2.07 -14.26
CA LEU A 238 -37.88 2.99 -13.21
C LEU A 238 -36.95 2.94 -12.02
N SER A 239 -36.57 1.72 -11.59
CA SER A 239 -35.66 1.58 -10.47
C SER A 239 -34.29 2.17 -10.79
N ALA A 240 -33.86 2.06 -12.06
CA ALA A 240 -32.58 2.63 -12.45
C ALA A 240 -32.57 4.14 -12.28
N ILE A 241 -33.67 4.81 -12.65
CA ILE A 241 -33.76 6.25 -12.47
C ILE A 241 -33.76 6.62 -11.00
N ARG A 242 -34.13 5.68 -10.12
CA ARG A 242 -34.18 5.98 -8.69
C ARG A 242 -32.80 6.29 -8.11
N THR A 243 -31.72 5.95 -8.82
CA THR A 243 -30.37 6.14 -8.31
C THR A 243 -29.93 7.60 -8.31
N VAL A 244 -30.65 8.48 -9.00
CA VAL A 244 -30.23 9.88 -9.10
C VAL A 244 -30.44 10.66 -7.81
N ARG A 245 -31.15 10.09 -6.83
CA ARG A 245 -31.44 10.82 -5.61
C ARG A 245 -30.26 10.88 -4.64
N VAL A 246 -29.18 10.14 -4.93
CA VAL A 246 -28.04 10.08 -4.03
C VAL A 246 -27.24 11.36 -4.10
N LEU A 247 -27.61 12.26 -5.00
CA LEU A 247 -26.97 13.57 -5.10
C LEU A 247 -27.62 14.62 -4.19
N ARG A 248 -28.75 14.29 -3.57
CA ARG A 248 -29.42 15.27 -2.71
C ARG A 248 -28.57 15.71 -1.55
N PRO A 249 -27.83 14.84 -0.86
CA PRO A 249 -27.01 15.32 0.27
C PRO A 249 -25.98 16.37 -0.12
N LEU A 250 -25.59 16.46 -1.39
CA LEU A 250 -24.64 17.49 -1.80
C LEU A 250 -25.17 18.89 -1.51
N ARG A 251 -26.49 19.05 -1.40
CA ARG A 251 -27.05 20.36 -1.14
C ARG A 251 -26.49 20.98 0.14
N ALA A 252 -26.12 20.15 1.11
CA ALA A 252 -25.66 20.64 2.40
C ALA A 252 -24.31 21.35 2.32
N ILE A 253 -23.59 21.22 1.21
CA ILE A 253 -22.28 21.86 1.12
C ILE A 253 -22.42 23.37 1.15
N ASN A 254 -23.40 23.90 0.43
CA ASN A 254 -23.58 25.35 0.39
C ASN A 254 -24.20 25.89 1.67
N ARG A 255 -24.98 25.07 2.38
CA ARG A 255 -25.63 25.52 3.61
C ARG A 255 -24.67 25.68 4.77
N VAL A 256 -23.52 25.01 4.73
CA VAL A 256 -22.51 25.10 5.79
C VAL A 256 -21.39 26.01 5.26
N PRO A 257 -21.22 27.22 5.80
CA PRO A 257 -20.21 28.13 5.22
C PRO A 257 -18.81 27.56 5.19
N SER A 258 -18.40 26.84 6.25
CA SER A 258 -17.04 26.32 6.28
C SER A 258 -16.81 25.28 5.19
N MET A 259 -17.79 24.41 4.96
CA MET A 259 -17.64 23.40 3.91
C MET A 259 -17.65 24.03 2.53
N ARG A 260 -18.43 25.08 2.33
CA ARG A 260 -18.47 25.75 1.04
C ARG A 260 -17.10 26.34 0.69
N ILE A 261 -16.44 26.96 1.68
CA ILE A 261 -15.14 27.56 1.42
C ILE A 261 -14.12 26.49 1.04
N LEU A 262 -14.10 25.39 1.79
CA LEU A 262 -13.14 24.32 1.51
C LEU A 262 -13.37 23.73 0.13
N VAL A 263 -14.63 23.46 -0.22
CA VAL A 263 -14.93 22.92 -1.54
C VAL A 263 -14.55 23.92 -2.62
N THR A 264 -14.80 25.21 -2.38
CA THR A 264 -14.40 26.22 -3.35
C THR A 264 -12.89 26.25 -3.52
N LEU A 265 -12.14 26.16 -2.42
CA LEU A 265 -10.68 26.07 -2.52
C LEU A 265 -10.27 24.80 -3.25
N LEU A 266 -10.93 23.68 -2.96
CA LEU A 266 -10.61 22.43 -3.66
C LEU A 266 -10.90 22.55 -5.15
N LEU A 267 -12.05 23.15 -5.51
CA LEU A 267 -12.41 23.26 -6.92
C LEU A 267 -11.50 24.22 -7.67
N ASP A 268 -10.86 25.16 -6.98
CA ASP A 268 -9.91 26.05 -7.62
C ASP A 268 -8.50 25.46 -7.71
N THR A 269 -8.26 24.32 -7.05
CA THR A 269 -6.99 23.62 -7.16
C THR A 269 -7.00 22.57 -8.27
N LEU A 270 -8.17 22.06 -8.64
CA LEU A 270 -8.25 21.05 -9.69
C LEU A 270 -7.66 21.50 -11.02
N PRO A 271 -7.91 22.72 -11.50
CA PRO A 271 -7.46 23.06 -12.87
C PRO A 271 -5.97 22.84 -13.10
N MET A 272 -5.14 22.92 -12.07
CA MET A 272 -3.71 22.72 -12.23
C MET A 272 -3.28 21.27 -12.05
N LEU A 273 -4.21 20.36 -11.79
CA LEU A 273 -3.90 18.94 -11.75
C LEU A 273 -3.89 18.30 -13.13
N GLY A 274 -4.24 19.07 -14.17
CA GLY A 274 -4.28 18.50 -15.51
C GLY A 274 -2.94 17.95 -15.96
N ASN A 275 -1.85 18.62 -15.58
CA ASN A 275 -0.53 18.15 -15.97
C ASN A 275 -0.24 16.77 -15.43
N VAL A 276 -0.66 16.49 -14.19
CA VAL A 276 -0.53 15.14 -13.66
C VAL A 276 -1.53 14.20 -14.32
N LEU A 277 -2.65 14.73 -14.82
CA LEU A 277 -3.61 13.90 -15.54
C LEU A 277 -3.04 13.46 -16.88
N LEU A 278 -2.29 14.34 -17.56
CA LEU A 278 -1.69 13.95 -18.83
C LEU A 278 -0.65 12.85 -18.62
N LEU A 279 0.11 12.92 -17.53
CA LEU A 279 1.05 11.85 -17.23
C LEU A 279 0.31 10.53 -16.99
N CYS A 280 -0.85 10.59 -16.34
CA CYS A 280 -1.63 9.38 -16.09
C CYS A 280 -2.07 8.74 -17.40
N PHE A 281 -2.46 9.56 -18.38
CA PHE A 281 -2.83 9.02 -19.68
C PHE A 281 -1.66 8.28 -20.33
N PHE A 282 -0.46 8.86 -20.25
CA PHE A 282 0.71 8.20 -20.82
C PHE A 282 1.00 6.88 -20.12
N VAL A 283 0.92 6.85 -18.80
CA VAL A 283 1.20 5.63 -18.06
C VAL A 283 0.20 4.54 -18.42
N PHE A 284 -1.08 4.89 -18.48
CA PHE A 284 -2.11 3.88 -18.77
C PHE A 284 -2.06 3.44 -20.22
N PHE A 285 -1.95 4.38 -21.15
CA PHE A 285 -1.95 4.01 -22.57
C PHE A 285 -0.73 3.20 -22.94
N ILE A 286 0.45 3.59 -22.43
CA ILE A 286 1.68 2.88 -22.78
C ILE A 286 1.66 1.46 -22.20
N PHE A 287 1.34 1.33 -20.92
CA PHE A 287 1.33 0.03 -20.28
C PHE A 287 0.09 -0.78 -20.64
N GLY A 288 -0.97 -0.10 -21.11
CA GLY A 288 -2.18 -0.82 -21.47
C GLY A 288 -2.17 -1.35 -22.88
N ILE A 289 -1.30 -0.82 -23.75
CA ILE A 289 -1.18 -1.34 -25.11
C ILE A 289 -0.09 -2.39 -25.18
N VAL A 290 0.96 -2.24 -24.38
CA VAL A 290 2.01 -3.25 -24.33
C VAL A 290 1.48 -4.53 -23.69
N GLY A 291 0.67 -4.38 -22.63
CA GLY A 291 0.11 -5.56 -21.98
C GLY A 291 -0.80 -6.36 -22.90
N VAL A 292 -1.66 -5.66 -23.65
CA VAL A 292 -2.57 -6.34 -24.57
C VAL A 292 -1.77 -7.07 -25.64
N GLN A 293 -0.73 -6.43 -26.18
CA GLN A 293 0.05 -7.05 -27.24
C GLN A 293 0.68 -8.36 -26.77
N LEU A 294 1.18 -8.38 -25.54
CA LEU A 294 1.90 -9.56 -25.05
C LEU A 294 0.94 -10.66 -24.58
N TRP A 295 0.00 -10.32 -23.71
CA TRP A 295 -0.78 -11.30 -22.97
C TRP A 295 -2.26 -11.28 -23.33
N ALA A 296 -2.59 -11.13 -24.61
CA ALA A 296 -3.97 -11.15 -25.05
C ALA A 296 -4.42 -12.60 -25.22
N GLY A 297 -5.33 -13.05 -24.37
CA GLY A 297 -5.89 -14.37 -24.46
C GLY A 297 -5.08 -15.47 -23.81
N LEU A 298 -3.97 -15.15 -23.15
CA LEU A 298 -3.12 -16.17 -22.54
C LEU A 298 -3.62 -16.61 -21.17
N LEU A 299 -4.57 -15.91 -20.57
CA LEU A 299 -5.14 -16.32 -19.29
C LEU A 299 -6.36 -17.21 -19.45
N ARG A 300 -6.79 -17.48 -20.69
CA ARG A 300 -7.82 -18.48 -20.95
C ARG A 300 -7.23 -19.88 -21.06
N ASN A 301 -5.91 -20.04 -20.96
CA ASN A 301 -5.28 -21.33 -21.15
C ASN A 301 -5.67 -22.29 -20.04
N ARG A 302 -5.91 -23.55 -20.43
CA ARG A 302 -6.20 -24.61 -19.48
C ARG A 302 -5.67 -25.92 -20.05
N CYS A 303 -5.48 -26.91 -19.17
CA CYS A 303 -4.95 -28.22 -19.57
C CYS A 303 -6.14 -29.10 -19.94
N PHE A 304 -6.33 -29.33 -21.23
CA PHE A 304 -7.45 -30.11 -21.74
C PHE A 304 -7.00 -31.54 -22.06
N LEU A 305 -7.97 -32.45 -22.01
CA LEU A 305 -7.74 -33.81 -22.47
C LEU A 305 -7.67 -33.84 -23.99
N ASP A 306 -6.86 -34.77 -24.51
CA ASP A 306 -6.72 -34.88 -25.96
C ASP A 306 -8.05 -35.31 -26.56
N SER A 307 -8.42 -34.65 -27.67
CA SER A 307 -9.69 -34.96 -28.32
C SER A 307 -9.71 -36.40 -28.83
N ALA A 308 -8.61 -36.86 -29.40
CA ALA A 308 -8.55 -38.24 -29.88
C ALA A 308 -8.71 -39.22 -28.74
N PHE A 309 -8.07 -38.94 -27.60
CA PHE A 309 -8.13 -39.86 -26.47
C PHE A 309 -9.57 -40.07 -26.02
N VAL A 310 -10.30 -38.98 -25.78
CA VAL A 310 -11.67 -39.11 -25.30
C VAL A 310 -12.56 -39.74 -26.35
N ARG A 311 -12.36 -39.38 -27.62
CA ARG A 311 -13.20 -39.93 -28.69
C ARG A 311 -12.96 -41.43 -28.85
N ASN A 312 -11.69 -41.83 -28.95
CA ASN A 312 -11.39 -43.24 -29.19
C ASN A 312 -11.76 -44.11 -28.00
N ASN A 313 -11.45 -43.65 -26.78
CA ASN A 313 -11.71 -44.46 -25.60
C ASN A 313 -13.14 -44.36 -25.11
N ASN A 314 -13.96 -43.49 -25.71
CA ASN A 314 -15.40 -43.45 -25.43
C ASN A 314 -15.66 -43.25 -23.94
N LEU A 315 -14.94 -42.32 -23.33
CA LEU A 315 -15.15 -41.96 -21.93
C LEU A 315 -15.37 -40.46 -21.82
N THR A 316 -16.40 -40.08 -21.06
CA THR A 316 -16.75 -38.67 -20.89
C THR A 316 -17.11 -38.34 -19.45
N PHE A 317 -16.65 -39.12 -18.47
CA PHE A 317 -16.96 -38.82 -17.08
C PHE A 317 -16.05 -37.73 -16.53
N LEU A 318 -14.82 -37.64 -17.02
CA LEU A 318 -13.88 -36.64 -16.52
C LEU A 318 -14.30 -35.24 -16.95
N ARG A 319 -13.91 -34.26 -16.15
CA ARG A 319 -14.07 -32.87 -16.54
C ARG A 319 -13.16 -32.58 -17.73
N PRO A 320 -13.59 -31.74 -18.68
CA PRO A 320 -12.82 -31.59 -19.92
C PRO A 320 -11.41 -31.10 -19.71
N TYR A 321 -11.17 -30.23 -18.72
CA TYR A 321 -9.83 -29.72 -18.46
C TYR A 321 -9.56 -29.77 -16.96
N TYR A 322 -8.28 -29.87 -16.61
CA TYR A 322 -7.91 -29.95 -15.20
C TYR A 322 -8.32 -28.69 -14.47
N GLN A 323 -8.97 -28.88 -13.32
CA GLN A 323 -9.32 -27.77 -12.44
C GLN A 323 -9.36 -28.29 -11.01
N THR A 324 -8.68 -27.59 -10.11
CA THR A 324 -8.58 -28.03 -8.73
C THR A 324 -9.97 -28.24 -8.13
N GLU A 325 -10.05 -28.99 -7.03
CA GLU A 325 -11.34 -29.20 -6.38
C GLU A 325 -11.98 -27.88 -5.99
N GLU A 326 -11.18 -26.85 -5.76
CA GLU A 326 -11.71 -25.52 -5.49
C GLU A 326 -12.46 -24.95 -6.69
N GLY A 327 -12.19 -25.45 -7.89
CA GLY A 327 -12.90 -25.01 -9.07
C GLY A 327 -12.25 -23.81 -9.74
N GLU A 328 -13.07 -23.08 -10.50
CA GLU A 328 -12.61 -21.93 -11.26
C GLU A 328 -12.16 -20.78 -10.36
N GLU A 329 -12.28 -20.90 -9.04
CA GLU A 329 -11.79 -19.85 -8.16
C GLU A 329 -10.28 -19.83 -8.07
N ASN A 330 -9.61 -20.94 -8.35
CA ASN A 330 -8.15 -21.03 -8.40
C ASN A 330 -7.78 -21.76 -9.69
N PRO A 331 -7.86 -21.07 -10.83
CA PRO A 331 -7.61 -21.75 -12.11
C PRO A 331 -6.15 -22.15 -12.26
N PHE A 332 -5.94 -23.28 -12.93
CA PHE A 332 -4.60 -23.76 -13.24
C PHE A 332 -4.26 -23.34 -14.67
N ILE A 333 -3.64 -22.17 -14.79
CA ILE A 333 -3.26 -21.66 -16.09
C ILE A 333 -1.97 -22.34 -16.55
N CYS A 334 -1.98 -22.85 -17.78
CA CYS A 334 -0.82 -23.52 -18.36
C CYS A 334 -0.12 -22.60 -19.34
N SER A 335 1.08 -23.00 -19.74
CA SER A 335 1.88 -22.27 -20.70
C SER A 335 1.77 -22.94 -22.06
N SER A 336 1.39 -22.18 -23.08
CA SER A 336 1.22 -22.73 -24.40
C SER A 336 2.53 -23.36 -24.88
N ARG A 337 2.42 -24.20 -25.92
CA ARG A 337 3.59 -24.93 -26.39
C ARG A 337 4.61 -24.00 -27.05
N ARG A 338 4.15 -22.95 -27.71
CA ARG A 338 5.04 -22.01 -28.40
C ARG A 338 5.58 -20.93 -27.47
N ASP A 339 5.16 -20.89 -26.22
CA ASP A 339 5.64 -19.94 -25.23
C ASP A 339 6.55 -20.66 -24.24
N ASN A 340 7.05 -19.90 -23.26
CA ASN A 340 7.96 -20.41 -22.25
C ASN A 340 7.52 -19.99 -20.85
N GLY A 341 6.23 -20.17 -20.57
CA GLY A 341 5.72 -19.87 -19.25
C GLY A 341 6.23 -20.85 -18.21
N MET A 342 6.19 -20.42 -16.96
CA MET A 342 6.72 -21.25 -15.88
C MET A 342 5.85 -22.48 -15.64
N GLN A 343 4.54 -22.35 -15.81
CA GLN A 343 3.60 -23.43 -15.51
C GLN A 343 3.24 -24.17 -16.78
N LYS A 344 3.53 -25.47 -16.81
CA LYS A 344 3.23 -26.34 -17.93
C LYS A 344 2.24 -27.40 -17.50
N CYS A 345 1.62 -28.06 -18.49
CA CYS A 345 0.66 -29.11 -18.19
C CYS A 345 1.31 -30.35 -17.60
N SER A 346 2.64 -30.44 -17.63
CA SER A 346 3.36 -31.55 -17.01
C SER A 346 3.64 -31.32 -15.54
N HIS A 347 3.30 -30.16 -14.99
CA HIS A 347 3.44 -29.87 -13.58
C HIS A 347 2.21 -30.28 -12.77
N ILE A 348 1.21 -30.87 -13.41
CA ILE A 348 -0.05 -31.22 -12.78
C ILE A 348 0.22 -32.27 -11.70
N PRO A 349 -0.13 -32.02 -10.44
CA PRO A 349 0.05 -33.07 -9.44
C PRO A 349 -0.78 -34.30 -9.77
N GLY A 350 -0.24 -35.46 -9.44
CA GLY A 350 -0.92 -36.71 -9.74
C GLY A 350 -2.14 -36.94 -8.87
N ARG A 351 -2.87 -38.00 -9.20
CA ARG A 351 -4.06 -38.35 -8.45
C ARG A 351 -3.70 -38.61 -6.99
N ARG A 352 -4.58 -38.18 -6.08
CA ARG A 352 -4.37 -38.38 -4.66
C ARG A 352 -5.67 -38.78 -3.97
N ILE A 381 -4.93 -45.60 -13.90
CA ILE A 381 -5.03 -45.53 -12.44
C ILE A 381 -4.94 -44.09 -11.96
N ASN A 382 -4.47 -43.21 -12.84
CA ASN A 382 -4.28 -41.79 -12.52
C ASN A 382 -4.86 -40.96 -13.65
N TRP A 383 -5.92 -40.21 -13.34
CA TRP A 383 -6.61 -39.43 -14.37
C TRP A 383 -5.86 -38.14 -14.71
N ASN A 384 -5.17 -37.55 -13.73
CA ASN A 384 -4.55 -36.25 -13.94
C ASN A 384 -3.48 -36.29 -15.03
N GLN A 385 -2.76 -37.41 -15.15
CA GLN A 385 -1.63 -37.47 -16.07
C GLN A 385 -2.03 -37.33 -17.53
N TYR A 386 -3.32 -37.45 -17.86
CA TYR A 386 -3.78 -37.38 -19.23
C TYR A 386 -4.21 -35.98 -19.65
N TYR A 387 -4.10 -34.99 -18.77
CA TYR A 387 -4.33 -33.59 -19.12
C TYR A 387 -3.03 -33.07 -19.72
N ASN A 388 -2.88 -33.17 -21.04
CA ASN A 388 -1.61 -32.87 -21.70
C ASN A 388 -1.82 -32.07 -22.97
N VAL A 389 -2.77 -31.15 -22.95
CA VAL A 389 -2.96 -30.21 -24.06
C VAL A 389 -3.34 -28.85 -23.49
N CYS A 390 -2.58 -27.82 -23.84
CA CYS A 390 -2.79 -26.46 -23.34
C CYS A 390 -3.36 -25.62 -24.48
N ARG A 391 -4.67 -25.41 -24.44
CA ARG A 391 -5.37 -24.62 -25.45
C ARG A 391 -6.32 -23.65 -24.75
N SER A 392 -6.71 -22.61 -25.47
CA SER A 392 -7.54 -21.56 -24.89
C SER A 392 -8.84 -22.13 -24.34
N GLY A 393 -9.26 -21.61 -23.21
CA GLY A 393 -10.47 -22.02 -22.53
C GLY A 393 -11.65 -21.14 -22.89
N ASP A 394 -12.58 -21.00 -21.94
CA ASP A 394 -13.79 -20.22 -22.15
C ASP A 394 -14.01 -19.16 -21.07
N SER A 395 -13.05 -18.95 -20.17
CA SER A 395 -13.22 -17.98 -19.10
C SER A 395 -11.86 -17.51 -18.61
N ASN A 396 -11.78 -16.24 -18.25
CA ASN A 396 -10.60 -15.66 -17.63
C ASN A 396 -10.72 -15.74 -16.11
N PRO A 397 -9.63 -15.50 -15.39
CA PRO A 397 -9.69 -15.59 -13.93
C PRO A 397 -10.69 -14.60 -13.34
N HIS A 398 -11.32 -15.03 -12.23
CA HIS A 398 -12.23 -14.18 -11.46
C HIS A 398 -13.49 -13.84 -12.27
N ASN A 399 -14.09 -14.86 -12.88
CA ASN A 399 -15.31 -14.69 -13.66
C ASN A 399 -15.12 -13.65 -14.76
N GLY A 400 -13.96 -13.66 -15.39
CA GLY A 400 -13.66 -12.77 -16.49
C GLY A 400 -13.19 -11.39 -16.10
N ALA A 401 -12.98 -11.13 -14.82
CA ALA A 401 -12.64 -9.77 -14.38
C ALA A 401 -11.19 -9.42 -14.70
N ILE A 402 -10.27 -10.36 -14.57
CA ILE A 402 -8.84 -10.12 -14.74
C ILE A 402 -8.41 -10.74 -16.06
N ASN A 403 -7.98 -9.90 -16.99
CA ASN A 403 -7.50 -10.36 -18.29
C ASN A 403 -6.93 -9.16 -19.04
N PHE A 404 -6.29 -9.45 -20.17
CA PHE A 404 -5.71 -8.42 -21.04
C PHE A 404 -6.22 -8.57 -22.47
N ASP A 405 -7.47 -9.02 -22.62
CA ASP A 405 -8.00 -9.30 -23.96
C ASP A 405 -8.23 -8.02 -24.77
N ASN A 406 -8.36 -6.87 -24.11
CA ASN A 406 -8.55 -5.61 -24.81
C ASN A 406 -8.15 -4.47 -23.89
N ILE A 407 -8.17 -3.26 -24.43
CA ILE A 407 -7.70 -2.10 -23.67
C ILE A 407 -8.57 -1.86 -22.44
N GLY A 408 -9.88 -2.08 -22.56
CA GLY A 408 -10.75 -1.86 -21.42
C GLY A 408 -10.42 -2.76 -20.25
N TYR A 409 -10.23 -4.05 -20.52
CA TYR A 409 -9.89 -4.99 -19.47
C TYR A 409 -8.44 -4.87 -19.01
N ALA A 410 -7.57 -4.27 -19.84
CA ALA A 410 -6.19 -4.08 -19.41
C ALA A 410 -6.08 -2.94 -18.40
N TRP A 411 -6.88 -1.89 -18.57
CA TRP A 411 -6.82 -0.75 -17.65
C TRP A 411 -7.33 -1.12 -16.27
N ILE A 412 -8.32 -2.02 -16.19
CA ILE A 412 -8.77 -2.49 -14.88
C ILE A 412 -7.62 -3.17 -14.15
N ALA A 413 -6.86 -4.01 -14.85
CA ALA A 413 -5.71 -4.64 -14.23
C ALA A 413 -4.64 -3.62 -13.86
N ILE A 414 -4.36 -2.66 -14.75
CA ILE A 414 -3.34 -1.67 -14.47
C ILE A 414 -3.74 -0.79 -13.30
N PHE A 415 -5.00 -0.36 -13.25
CA PHE A 415 -5.46 0.44 -12.13
C PHE A 415 -5.36 -0.34 -10.82
N GLN A 416 -5.58 -1.65 -10.87
CA GLN A 416 -5.44 -2.47 -9.68
C GLN A 416 -3.99 -2.59 -9.24
N VAL A 417 -3.06 -2.61 -10.20
CA VAL A 417 -1.64 -2.65 -9.84
C VAL A 417 -1.21 -1.32 -9.22
N ILE A 418 -1.73 -0.20 -9.73
CA ILE A 418 -1.32 1.10 -9.24
C ILE A 418 -1.76 1.32 -7.80
N THR A 419 -2.81 0.63 -7.35
CA THR A 419 -3.23 0.71 -5.96
C THR A 419 -2.49 -0.29 -5.07
N LEU A 420 -1.58 -1.08 -5.62
CA LEU A 420 -0.75 -2.00 -4.86
C LEU A 420 -1.56 -3.06 -4.12
N GLU A 421 -2.76 -3.37 -4.60
CA GLU A 421 -3.61 -4.39 -4.01
C GLU A 421 -3.80 -5.51 -5.02
N GLY A 422 -3.24 -6.68 -4.71
CA GLY A 422 -3.37 -7.82 -5.60
C GLY A 422 -2.53 -7.76 -6.84
N TRP A 423 -1.56 -6.86 -6.91
CA TRP A 423 -0.73 -6.73 -8.10
C TRP A 423 0.17 -7.95 -8.30
N VAL A 424 0.49 -8.67 -7.22
CA VAL A 424 1.29 -9.88 -7.36
C VAL A 424 0.48 -10.98 -8.05
N ASP A 425 -0.81 -11.09 -7.72
CA ASP A 425 -1.63 -12.12 -8.32
C ASP A 425 -1.71 -11.95 -9.84
N ILE A 426 -1.81 -10.71 -10.30
CA ILE A 426 -1.79 -10.45 -11.74
C ILE A 426 -0.44 -10.82 -12.33
N MET A 427 0.64 -10.52 -11.63
CA MET A 427 1.98 -10.86 -12.12
C MET A 427 2.14 -12.36 -12.24
N TYR A 428 1.76 -13.10 -11.19
CA TYR A 428 1.93 -14.56 -11.22
C TYR A 428 1.11 -15.18 -12.35
N TYR A 429 0.01 -14.55 -12.74
CA TYR A 429 -0.82 -15.12 -13.81
C TYR A 429 -0.12 -15.06 -15.15
N VAL A 430 0.64 -14.00 -15.40
CA VAL A 430 1.39 -13.89 -16.65
C VAL A 430 2.77 -14.54 -16.57
N MET A 431 3.33 -14.66 -15.37
CA MET A 431 4.57 -15.41 -15.23
C MET A 431 4.35 -16.91 -15.45
N ASP A 432 3.16 -17.41 -15.12
CA ASP A 432 2.84 -18.81 -15.31
C ASP A 432 2.39 -19.12 -16.74
N ALA A 433 2.17 -18.10 -17.58
CA ALA A 433 1.63 -18.31 -18.91
C ALA A 433 2.52 -17.79 -20.03
N HIS A 434 3.29 -16.72 -19.79
CA HIS A 434 4.08 -16.12 -20.86
C HIS A 434 5.58 -16.26 -20.63
N SER A 435 6.07 -15.78 -19.49
CA SER A 435 7.51 -15.80 -19.25
C SER A 435 7.78 -15.32 -17.83
N PHE A 436 8.85 -15.86 -17.23
CA PHE A 436 9.26 -15.43 -15.90
C PHE A 436 9.77 -13.99 -15.89
N TYR A 437 10.24 -13.48 -17.02
CA TYR A 437 10.81 -12.15 -17.10
C TYR A 437 9.76 -11.06 -17.28
N ASN A 438 8.50 -11.35 -16.94
CA ASN A 438 7.45 -10.35 -16.95
C ASN A 438 7.44 -9.50 -15.68
N PHE A 439 8.28 -9.84 -14.69
CA PHE A 439 8.38 -8.99 -13.51
C PHE A 439 8.96 -7.62 -13.82
N ILE A 440 9.71 -7.51 -14.93
CA ILE A 440 10.20 -6.19 -15.35
C ILE A 440 9.03 -5.27 -15.66
N TYR A 441 8.00 -5.81 -16.33
CA TYR A 441 6.83 -5.01 -16.66
C TYR A 441 6.14 -4.48 -15.41
N PHE A 442 6.10 -5.27 -14.34
CA PHE A 442 5.46 -4.85 -13.10
C PHE A 442 6.38 -4.10 -12.16
N ILE A 443 7.69 -4.30 -12.25
CA ILE A 443 8.61 -3.53 -11.44
C ILE A 443 8.64 -2.08 -11.91
N LEU A 444 8.64 -1.87 -13.23
CA LEU A 444 8.60 -0.51 -13.75
C LEU A 444 7.28 0.17 -13.41
N LEU A 445 6.17 -0.57 -13.51
CA LEU A 445 4.86 0.02 -13.26
C LEU A 445 4.70 0.43 -11.80
N ILE A 446 5.25 -0.34 -10.86
CA ILE A 446 5.16 0.02 -9.45
C ILE A 446 6.03 1.24 -9.16
N ILE A 447 7.04 1.51 -9.98
CA ILE A 447 7.88 2.69 -9.78
C ILE A 447 7.32 3.89 -10.53
N VAL A 448 7.18 3.75 -11.85
CA VAL A 448 6.72 4.88 -12.66
C VAL A 448 5.33 5.32 -12.25
N GLY A 449 4.41 4.36 -12.12
CA GLY A 449 3.02 4.68 -11.87
C GLY A 449 2.62 4.72 -10.41
N SER A 450 2.91 3.65 -9.67
CA SER A 450 2.42 3.56 -8.30
C SER A 450 3.13 4.53 -7.38
N PHE A 451 4.43 4.77 -7.59
CA PHE A 451 5.19 5.61 -6.67
C PHE A 451 5.25 7.05 -7.14
N PHE A 452 5.83 7.30 -8.30
CA PHE A 452 6.08 8.67 -8.73
C PHE A 452 4.79 9.37 -9.15
N MET A 453 3.95 8.70 -9.95
CA MET A 453 2.76 9.34 -10.48
C MET A 453 1.75 9.62 -9.36
N ILE A 454 1.67 8.73 -8.37
CA ILE A 454 0.73 8.95 -7.26
C ILE A 454 1.29 9.94 -6.25
N ASN A 455 2.61 10.11 -6.21
CA ASN A 455 3.23 11.06 -5.30
C ASN A 455 3.53 12.40 -5.95
N LEU A 456 3.48 12.49 -7.29
CA LEU A 456 3.49 13.79 -7.94
C LEU A 456 2.15 14.49 -7.78
N CYS A 457 1.06 13.73 -7.73
CA CYS A 457 -0.25 14.34 -7.46
C CYS A 457 -0.28 14.96 -6.08
N LEU A 458 0.30 14.29 -5.08
CA LEU A 458 0.36 14.86 -3.74
C LEU A 458 1.17 16.14 -3.72
N VAL A 459 2.33 16.14 -4.39
CA VAL A 459 3.20 17.31 -4.37
C VAL A 459 2.53 18.50 -5.03
N VAL A 460 1.83 18.27 -6.15
CA VAL A 460 1.19 19.36 -6.87
C VAL A 460 0.11 20.01 -6.02
N ILE A 461 -0.72 19.19 -5.37
CA ILE A 461 -1.81 19.73 -4.57
C ILE A 461 -1.27 20.55 -3.41
N ALA A 462 -0.29 20.01 -2.69
CA ALA A 462 0.27 20.73 -1.55
C ALA A 462 0.90 22.05 -1.98
N THR A 463 1.62 22.04 -3.10
CA THR A 463 2.22 23.27 -3.59
C THR A 463 1.17 24.31 -3.95
N GLN A 464 0.09 23.87 -4.62
CA GLN A 464 -0.93 24.81 -5.05
C GLN A 464 -1.71 25.37 -3.85
N PHE A 465 -2.00 24.54 -2.86
CA PHE A 465 -2.67 25.04 -1.66
C PHE A 465 -1.82 26.10 -0.98
N SER A 466 -0.52 25.87 -0.87
CA SER A 466 0.37 26.90 -0.34
C SER A 466 0.30 28.17 -1.17
N GLU A 467 -0.03 28.04 -2.45
CA GLU A 467 -0.11 29.18 -3.35
C GLU A 467 -1.49 29.85 -3.33
N THR A 468 -2.42 29.36 -2.51
CA THR A 468 -3.73 29.97 -2.38
C THR A 468 -4.09 30.17 -0.91
N ARG A 551 4.48 22.68 50.83
CA ARG A 551 5.94 22.72 50.77
C ARG A 551 6.49 21.39 50.28
N ILE A 552 6.24 20.32 51.04
CA ILE A 552 6.72 19.00 50.66
C ILE A 552 6.05 18.53 49.38
N VAL A 553 4.75 18.79 49.24
CA VAL A 553 4.02 18.32 48.07
C VAL A 553 4.65 18.87 46.80
N ASP A 554 5.06 20.13 46.81
CA ASP A 554 5.70 20.74 45.65
C ASP A 554 7.14 20.27 45.46
N SER A 555 7.69 19.50 46.41
CA SER A 555 9.06 19.05 46.29
C SER A 555 9.25 18.19 45.04
N LYS A 556 10.44 18.31 44.43
CA LYS A 556 10.72 17.56 43.21
C LYS A 556 10.63 16.06 43.45
N TYR A 557 11.17 15.59 44.57
CA TYR A 557 11.18 14.16 44.84
C TYR A 557 9.77 13.59 44.92
N PHE A 558 8.85 14.34 45.53
CA PHE A 558 7.46 13.88 45.61
C PHE A 558 6.87 13.73 44.22
N SER A 559 7.10 14.71 43.34
CA SER A 559 6.61 14.59 41.98
C SER A 559 7.23 13.40 41.26
N ARG A 560 8.54 13.21 41.43
CA ARG A 560 9.18 12.03 40.87
C ARG A 560 8.62 10.75 41.47
N GLY A 561 8.39 10.74 42.78
CA GLY A 561 7.83 9.57 43.42
C GLY A 561 6.45 9.23 42.89
N ILE A 562 5.59 10.24 42.76
CA ILE A 562 4.26 10.01 42.19
C ILE A 562 4.37 9.56 40.74
N MET A 563 5.30 10.17 39.99
CA MET A 563 5.48 9.78 38.60
C MET A 563 5.89 8.32 38.49
N MET A 564 6.82 7.88 39.35
CA MET A 564 7.25 6.48 39.31
C MET A 564 6.10 5.54 39.66
N ALA A 565 5.25 5.94 40.60
CA ALA A 565 4.13 5.08 40.99
C ALA A 565 3.20 4.83 39.81
N ILE A 566 2.87 5.89 39.06
CA ILE A 566 1.98 5.73 37.91
C ILE A 566 2.63 4.83 36.86
N LEU A 567 3.91 5.03 36.60
CA LEU A 567 4.59 4.23 35.57
C LEU A 567 4.61 2.76 35.94
N VAL A 568 4.94 2.44 37.19
CA VAL A 568 4.99 1.04 37.61
C VAL A 568 3.59 0.42 37.53
N ASN A 569 2.56 1.19 37.90
CA ASN A 569 1.20 0.69 37.79
C ASN A 569 0.86 0.37 36.34
N THR A 570 1.27 1.24 35.41
CA THR A 570 1.00 1.00 34.00
C THR A 570 1.67 -0.28 33.52
N LEU A 571 2.93 -0.49 33.92
CA LEU A 571 3.62 -1.71 33.53
C LEU A 571 2.91 -2.94 34.10
N SER A 572 2.40 -2.84 35.32
CA SER A 572 1.70 -3.97 35.92
C SER A 572 0.45 -4.34 35.15
N MET A 573 -0.27 -3.35 34.62
CA MET A 573 -1.52 -3.64 33.91
C MET A 573 -1.29 -4.43 32.62
N GLY A 574 -0.07 -4.41 32.08
CA GLY A 574 0.24 -5.09 30.85
C GLY A 574 0.82 -6.48 30.99
N VAL A 575 0.78 -7.07 32.19
CA VAL A 575 1.38 -8.36 32.44
C VAL A 575 0.35 -9.49 32.39
N GLU A 576 -0.89 -9.20 32.01
CA GLU A 576 -1.91 -10.22 31.93
C GLU A 576 -1.79 -11.00 30.63
N TYR A 577 -2.28 -12.24 30.66
CA TYR A 577 -2.25 -13.11 29.49
C TYR A 577 -3.26 -14.24 29.69
N HIS A 578 -3.46 -15.02 28.64
CA HIS A 578 -4.42 -16.11 28.68
C HIS A 578 -3.89 -17.25 29.53
N GLU A 579 -4.82 -18.02 30.11
CA GLU A 579 -4.48 -19.08 31.05
C GLU A 579 -3.68 -18.51 32.22
N GLN A 580 -4.12 -17.36 32.70
CA GLN A 580 -3.41 -16.67 33.77
C GLN A 580 -3.46 -17.49 35.06
N PRO A 581 -2.36 -17.63 35.78
CA PRO A 581 -2.42 -18.30 37.09
C PRO A 581 -3.28 -17.53 38.07
N GLU A 582 -3.92 -18.27 38.97
CA GLU A 582 -4.76 -17.62 39.98
C GLU A 582 -3.95 -16.71 40.88
N GLU A 583 -2.75 -17.14 41.28
CA GLU A 583 -1.93 -16.33 42.17
C GLU A 583 -1.54 -15.01 41.52
N LEU A 584 -1.19 -15.03 40.24
CA LEU A 584 -0.80 -13.80 39.56
C LEU A 584 -1.98 -12.83 39.48
N THR A 585 -3.19 -13.35 39.28
CA THR A 585 -4.37 -12.50 39.30
C THR A 585 -4.57 -11.88 40.68
N ASN A 586 -4.38 -12.66 41.74
CA ASN A 586 -4.52 -12.12 43.09
C ASN A 586 -3.49 -11.04 43.36
N ALA A 587 -2.24 -11.25 42.95
CA ALA A 587 -1.19 -10.26 43.20
C ALA A 587 -1.50 -8.95 42.48
N LEU A 588 -2.00 -9.03 41.24
CA LEU A 588 -2.33 -7.83 40.49
C LEU A 588 -3.39 -7.01 41.23
N GLU A 589 -4.43 -7.69 41.74
CA GLU A 589 -5.50 -6.98 42.43
C GLU A 589 -4.96 -6.26 43.67
N ILE A 590 -4.10 -6.94 44.43
CA ILE A 590 -3.51 -6.30 45.62
C ILE A 590 -2.69 -5.10 45.20
N SER A 591 -1.91 -5.22 44.13
CA SER A 591 -1.14 -4.09 43.63
C SER A 591 -2.05 -2.94 43.24
N ASN A 592 -3.17 -3.24 42.60
CA ASN A 592 -4.15 -2.21 42.28
C ASN A 592 -4.71 -1.58 43.55
N ILE A 593 -4.94 -2.39 44.59
CA ILE A 593 -5.46 -1.87 45.84
C ILE A 593 -4.48 -0.89 46.46
N VAL A 594 -3.19 -1.22 46.43
CA VAL A 594 -2.18 -0.34 47.01
C VAL A 594 -2.06 0.95 46.21
N PHE A 595 -1.97 0.83 44.88
CA PHE A 595 -1.72 2.00 44.04
C PHE A 595 -2.85 3.01 44.15
N THR A 596 -4.09 2.55 43.99
CA THR A 596 -5.22 3.48 44.10
C THR A 596 -5.24 4.16 45.46
N SER A 597 -4.82 3.46 46.50
CA SER A 597 -4.70 4.08 47.82
C SER A 597 -3.63 5.17 47.82
N MET A 598 -2.50 4.91 47.15
CA MET A 598 -1.43 5.90 47.11
C MET A 598 -1.89 7.19 46.44
N PHE A 599 -2.61 7.06 45.32
CA PHE A 599 -3.18 8.25 44.69
C PHE A 599 -4.19 8.92 45.60
N ALA A 600 -4.98 8.12 46.33
CA ALA A 600 -5.91 8.69 47.30
C ALA A 600 -5.16 9.40 48.42
N LEU A 601 -4.02 8.86 48.86
CA LEU A 601 -3.20 9.57 49.84
C LEU A 601 -2.71 10.89 49.27
N GLU A 602 -2.28 10.89 48.00
CA GLU A 602 -1.93 12.15 47.34
C GLU A 602 -3.16 13.02 47.15
N MET A 603 -4.31 12.40 46.93
CA MET A 603 -5.58 13.14 46.71
C MET A 603 -5.91 13.91 48.00
N LEU A 604 -5.67 13.31 49.18
CA LEU A 604 -5.94 14.00 50.43
C LEU A 604 -4.88 15.08 50.71
N LEU A 605 -3.61 14.74 50.52
CA LEU A 605 -2.53 15.65 50.90
C LEU A 605 -2.65 16.99 50.16
N LYS A 606 -2.85 16.94 48.84
CA LYS A 606 -2.97 18.18 48.07
C LYS A 606 -4.19 18.99 48.51
N LEU A 607 -5.27 18.30 48.87
CA LEU A 607 -6.47 18.99 49.32
C LEU A 607 -6.19 19.81 50.58
N LEU A 608 -5.45 19.23 51.53
CA LEU A 608 -5.17 19.94 52.77
C LEU A 608 -4.30 21.17 52.53
N ALA A 609 -3.25 21.02 51.72
CA ALA A 609 -2.30 22.11 51.54
C ALA A 609 -2.95 23.33 50.87
N CYS A 610 -3.77 23.10 49.85
CA CYS A 610 -4.35 24.18 49.07
C CYS A 610 -5.83 24.41 49.34
N GLY A 611 -6.51 23.50 50.04
CA GLY A 611 -7.91 23.67 50.34
C GLY A 611 -8.80 23.24 49.18
N PRO A 612 -10.09 23.05 49.47
CA PRO A 612 -11.00 22.58 48.40
C PRO A 612 -11.06 23.51 47.20
N LEU A 613 -11.06 24.83 47.43
CA LEU A 613 -11.09 25.77 46.31
C LEU A 613 -9.73 25.84 45.63
N GLY A 614 -8.64 25.81 46.40
CA GLY A 614 -7.33 25.87 45.80
C GLY A 614 -7.05 24.69 44.88
N TYR A 615 -7.45 23.49 45.30
CA TYR A 615 -7.22 22.30 44.47
C TYR A 615 -7.99 22.39 43.16
N ILE A 616 -9.24 22.84 43.22
CA ILE A 616 -10.05 22.95 42.00
C ILE A 616 -9.43 23.92 41.01
N ARG A 617 -8.59 24.85 41.47
CA ARG A 617 -8.00 25.85 40.58
C ARG A 617 -7.18 25.18 39.49
N ASN A 618 -6.35 24.22 39.86
CA ASN A 618 -5.46 23.57 38.89
C ASN A 618 -6.27 22.62 38.01
N PRO A 619 -6.18 22.74 36.68
CA PRO A 619 -6.98 21.84 35.83
C PRO A 619 -6.55 20.38 35.93
N TYR A 620 -5.25 20.11 36.00
CA TYR A 620 -4.80 18.73 36.14
C TYR A 620 -5.29 18.14 37.45
N ASN A 621 -5.28 18.95 38.52
CA ASN A 621 -5.77 18.48 39.81
C ASN A 621 -7.22 18.02 39.69
N ILE A 622 -8.00 18.67 38.83
CA ILE A 622 -9.38 18.24 38.62
C ILE A 622 -9.41 16.83 38.03
N PHE A 623 -8.57 16.58 37.03
CA PHE A 623 -8.57 15.27 36.38
C PHE A 623 -8.20 14.17 37.36
N ASP A 624 -7.20 14.41 38.21
CA ASP A 624 -6.80 13.40 39.18
C ASP A 624 -7.96 13.04 40.09
N GLY A 625 -8.78 14.03 40.46
CA GLY A 625 -9.93 13.76 41.30
C GLY A 625 -10.91 12.79 40.66
N ILE A 626 -11.11 12.93 39.34
CA ILE A 626 -12.05 12.05 38.65
C ILE A 626 -11.54 10.62 38.64
N ILE A 627 -10.23 10.43 38.79
CA ILE A 627 -9.65 9.09 38.70
C ILE A 627 -9.73 8.37 40.04
N VAL A 628 -9.62 9.12 41.15
CA VAL A 628 -9.63 8.48 42.46
C VAL A 628 -11.01 7.94 42.79
N VAL A 629 -12.07 8.69 42.45
CA VAL A 629 -13.42 8.27 42.81
C VAL A 629 -13.78 6.96 42.12
N ILE A 630 -13.48 6.84 40.83
CA ILE A 630 -13.79 5.61 40.12
C ILE A 630 -12.90 4.46 40.62
N SER A 631 -11.65 4.76 40.94
CA SER A 631 -10.74 3.73 41.44
C SER A 631 -11.26 3.13 42.75
N VAL A 632 -11.66 3.99 43.69
CA VAL A 632 -12.22 3.49 44.94
C VAL A 632 -13.60 2.87 44.70
N TRP A 633 -14.38 3.47 43.81
CA TRP A 633 -15.69 2.91 43.47
C TRP A 633 -15.55 1.44 43.09
N GLU A 634 -14.54 1.12 42.28
CA GLU A 634 -14.37 -0.25 41.82
C GLU A 634 -14.16 -1.21 42.98
N ILE A 635 -13.34 -0.81 43.95
CA ILE A 635 -13.10 -1.68 45.12
C ILE A 635 -14.35 -1.78 45.96
N VAL A 636 -15.00 -0.64 46.23
CA VAL A 636 -16.21 -0.64 47.04
C VAL A 636 -17.33 -1.38 46.32
N GLY A 637 -17.39 -1.27 45.00
CA GLY A 637 -18.42 -1.91 44.21
C GLY A 637 -18.21 -3.38 43.94
N GLN A 638 -17.11 -3.96 44.42
CA GLN A 638 -16.84 -5.38 44.23
C GLN A 638 -18.02 -6.23 44.72
N SER A 644 -17.08 -4.73 36.27
CA SER A 644 -15.83 -4.97 35.56
C SER A 644 -15.62 -3.94 34.47
N VAL A 645 -16.66 -3.15 34.17
CA VAL A 645 -16.54 -2.13 33.14
C VAL A 645 -15.53 -1.06 33.56
N LEU A 646 -15.48 -0.74 34.86
CA LEU A 646 -14.51 0.22 35.35
C LEU A 646 -13.07 -0.27 35.15
N ARG A 647 -12.87 -1.59 35.04
CA ARG A 647 -11.52 -2.10 34.82
C ARG A 647 -10.94 -1.56 33.52
N THR A 648 -11.75 -1.50 32.47
CA THR A 648 -11.27 -0.94 31.20
C THR A 648 -10.92 0.53 31.32
N PHE A 649 -11.47 1.23 32.32
CA PHE A 649 -11.16 2.63 32.54
C PHE A 649 -9.85 2.84 33.29
N ARG A 650 -9.25 1.78 33.84
CA ARG A 650 -7.99 1.91 34.55
C ARG A 650 -6.86 2.37 33.62
N LEU A 651 -7.04 2.27 32.30
CA LEU A 651 -6.03 2.72 31.37
C LEU A 651 -5.91 4.24 31.33
N LEU A 652 -6.89 4.96 31.86
CA LEU A 652 -6.84 6.42 31.86
C LEU A 652 -5.76 6.96 32.78
N ARG A 653 -5.24 6.14 33.69
CA ARG A 653 -4.22 6.61 34.62
C ARG A 653 -2.97 7.09 33.89
N VAL A 654 -2.72 6.55 32.69
CA VAL A 654 -1.54 6.97 31.94
C VAL A 654 -1.62 8.45 31.58
N LEU A 655 -2.83 9.00 31.45
CA LEU A 655 -2.98 10.41 31.12
C LEU A 655 -2.45 11.32 32.22
N LYS A 656 -2.30 10.81 33.45
CA LYS A 656 -1.73 11.63 34.52
C LYS A 656 -0.32 12.07 34.20
N LEU A 657 0.42 11.29 33.41
CA LEU A 657 1.82 11.59 33.15
C LEU A 657 2.00 12.89 32.36
N VAL A 658 0.94 13.41 31.75
CA VAL A 658 1.05 14.68 31.03
C VAL A 658 1.49 15.79 31.97
N ARG A 659 1.21 15.65 33.27
CA ARG A 659 1.58 16.68 34.23
C ARG A 659 3.09 16.87 34.31
N PHE A 660 3.86 15.80 34.07
CA PHE A 660 5.29 15.80 34.35
C PHE A 660 6.15 15.57 33.12
N LEU A 661 5.60 15.80 31.92
CA LEU A 661 6.33 15.65 30.67
C LEU A 661 6.08 16.88 29.81
N PRO A 662 6.74 18.00 30.12
CA PRO A 662 6.48 19.23 29.35
C PRO A 662 6.72 19.07 27.86
N ALA A 663 7.74 18.30 27.46
CA ALA A 663 8.01 18.13 26.04
C ALA A 663 6.83 17.49 25.33
N LEU A 664 6.34 16.36 25.84
CA LEU A 664 5.16 15.75 25.26
C LEU A 664 3.93 16.63 25.44
N ARG A 665 3.81 17.27 26.60
CA ARG A 665 2.68 18.16 26.85
C ARG A 665 2.57 19.23 25.76
N ARG A 666 3.70 19.81 25.37
CA ARG A 666 3.71 20.76 24.26
C ARG A 666 3.29 20.07 22.97
N GLN A 667 3.84 18.87 22.71
CA GLN A 667 3.54 18.18 21.46
C GLN A 667 2.07 17.82 21.36
N LEU A 668 1.47 17.35 22.46
CA LEU A 668 0.06 17.01 22.44
C LEU A 668 -0.79 18.24 22.11
N VAL A 669 -0.41 19.40 22.63
CA VAL A 669 -1.17 20.62 22.36
C VAL A 669 -1.15 20.94 20.87
N VAL A 670 0.00 20.76 20.22
CA VAL A 670 0.07 21.00 18.77
C VAL A 670 -0.86 20.05 18.04
N LEU A 671 -0.84 18.77 18.41
CA LEU A 671 -1.73 17.79 17.77
C LEU A 671 -3.18 18.12 18.03
N VAL A 672 -3.51 18.50 19.27
CA VAL A 672 -4.89 18.84 19.60
C VAL A 672 -5.36 20.06 18.81
N LYS A 673 -4.50 21.06 18.69
CA LYS A 673 -4.85 22.25 17.90
C LYS A 673 -4.95 21.94 16.41
N THR A 674 -4.46 20.77 15.98
CA THR A 674 -4.62 20.37 14.59
C THR A 674 -6.06 20.00 14.26
N MET A 675 -6.87 19.68 15.27
CA MET A 675 -8.24 19.26 15.02
C MET A 675 -9.13 20.40 14.57
N ASP A 676 -8.78 21.65 14.89
CA ASP A 676 -9.58 22.78 14.44
C ASP A 676 -9.59 22.86 12.92
N ASN A 677 -8.43 22.67 12.29
CA ASN A 677 -8.36 22.69 10.83
C ASN A 677 -8.93 21.40 10.23
N VAL A 678 -8.70 20.26 10.89
CA VAL A 678 -9.14 18.98 10.35
C VAL A 678 -10.64 18.78 10.49
N ALA A 679 -11.30 19.52 11.39
CA ALA A 679 -12.73 19.30 11.62
C ALA A 679 -13.54 19.54 10.36
N THR A 680 -13.22 20.59 9.62
CA THR A 680 -13.96 20.89 8.40
C THR A 680 -13.80 19.78 7.36
N PHE A 681 -12.59 19.21 7.26
CA PHE A 681 -12.37 18.16 6.28
C PHE A 681 -13.11 16.88 6.66
N CYS A 682 -12.99 16.46 7.92
CA CYS A 682 -13.67 15.23 8.34
C CYS A 682 -15.17 15.31 8.07
N THR A 683 -15.75 16.48 8.25
CA THR A 683 -17.16 16.66 7.88
C THR A 683 -17.37 16.46 6.39
N LEU A 684 -16.37 16.80 5.58
CA LEU A 684 -16.44 16.55 4.15
C LEU A 684 -16.19 15.09 3.80
N LEU A 685 -15.44 14.36 4.62
CA LEU A 685 -15.24 12.94 4.39
C LEU A 685 -16.54 12.16 4.63
N MET A 686 -17.20 12.41 5.76
CA MET A 686 -18.40 11.64 6.09
C MET A 686 -19.51 11.89 5.08
N LEU A 687 -19.57 13.09 4.49
CA LEU A 687 -20.55 13.33 3.44
C LEU A 687 -20.16 12.59 2.16
N PHE A 688 -18.86 12.57 1.84
CA PHE A 688 -18.39 11.85 0.67
C PHE A 688 -18.65 10.35 0.82
N ILE A 689 -18.42 9.80 2.01
CA ILE A 689 -18.64 8.38 2.24
C ILE A 689 -20.12 8.06 2.23
N PHE A 690 -20.94 8.92 2.81
CA PHE A 690 -22.38 8.66 2.89
C PHE A 690 -23.00 8.57 1.51
N ILE A 691 -22.61 9.47 0.60
CA ILE A 691 -23.20 9.48 -0.74
C ILE A 691 -22.83 8.19 -1.48
N PHE A 692 -21.59 7.72 -1.32
CA PHE A 692 -21.18 6.49 -1.97
C PHE A 692 -21.67 5.25 -1.24
N SER A 693 -22.08 5.38 0.03
CA SER A 693 -22.64 4.25 0.76
C SER A 693 -24.05 3.94 0.28
N ILE A 694 -24.87 4.96 0.06
CA ILE A 694 -26.22 4.72 -0.46
C ILE A 694 -26.19 4.48 -1.96
N LEU A 695 -25.23 5.06 -2.67
CA LEU A 695 -25.08 4.76 -4.09
C LEU A 695 -24.71 3.29 -4.28
N GLY A 696 -23.87 2.74 -3.41
CA GLY A 696 -23.53 1.34 -3.50
C GLY A 696 -24.72 0.44 -3.24
N MET A 697 -25.60 0.83 -2.32
CA MET A 697 -26.77 0.00 -2.03
C MET A 697 -27.66 -0.13 -3.24
N HIS A 698 -27.89 0.96 -3.97
CA HIS A 698 -28.79 0.91 -5.12
C HIS A 698 -28.26 -0.01 -6.20
N LEU A 699 -26.95 0.03 -6.47
CA LEU A 699 -26.37 -0.80 -7.51
C LEU A 699 -26.20 -2.23 -7.06
N PHE A 700 -25.45 -2.45 -5.97
CA PHE A 700 -25.09 -3.78 -5.50
C PHE A 700 -25.93 -4.22 -4.31
N GLY A 701 -27.23 -3.91 -4.32
CA GLY A 701 -28.10 -4.27 -3.22
C GLY A 701 -28.49 -5.74 -3.25
N CYS A 702 -27.92 -6.52 -2.34
CA CYS A 702 -28.16 -7.96 -2.25
C CYS A 702 -28.05 -8.63 -3.62
N LYS A 703 -26.98 -8.29 -4.35
CA LYS A 703 -26.54 -9.06 -5.49
C LYS A 703 -25.35 -9.95 -5.19
N PHE A 704 -24.69 -9.76 -4.04
CA PHE A 704 -23.51 -10.53 -3.66
C PHE A 704 -23.96 -11.75 -2.87
N SER A 705 -24.47 -12.74 -3.59
CA SER A 705 -24.95 -13.98 -2.97
C SER A 705 -23.82 -14.99 -2.86
N PRO A 715 -24.73 -14.71 2.32
CA PRO A 715 -24.31 -13.34 2.00
C PRO A 715 -22.88 -13.04 2.41
N ASP A 716 -22.11 -12.45 1.51
CA ASP A 716 -20.73 -12.09 1.81
C ASP A 716 -20.68 -11.02 2.90
N ARG A 717 -19.63 -11.08 3.71
CA ARG A 717 -19.45 -10.07 4.75
C ARG A 717 -19.25 -8.69 4.15
N LYS A 718 -18.62 -8.60 2.98
CA LYS A 718 -18.41 -7.33 2.29
C LYS A 718 -19.57 -7.11 1.33
N ASN A 719 -20.67 -6.62 1.88
CA ASN A 719 -21.91 -6.43 1.13
C ASN A 719 -22.43 -5.02 1.34
N PHE A 720 -23.32 -4.61 0.44
CA PHE A 720 -24.02 -3.34 0.52
C PHE A 720 -25.49 -3.56 0.88
N ASP A 721 -25.74 -4.50 1.78
CA ASP A 721 -27.09 -4.93 2.13
C ASP A 721 -27.78 -3.98 3.10
N SER A 722 -27.04 -3.11 3.77
CA SER A 722 -27.63 -2.20 4.74
C SER A 722 -26.68 -1.02 4.93
N LEU A 723 -27.15 -0.01 5.64
CA LEU A 723 -26.34 1.19 5.82
C LEU A 723 -25.09 0.91 6.64
N LEU A 724 -25.22 0.11 7.70
CA LEU A 724 -24.07 -0.14 8.56
C LEU A 724 -22.96 -0.87 7.80
N TRP A 725 -23.31 -1.88 7.02
CA TRP A 725 -22.33 -2.69 6.31
C TRP A 725 -22.05 -2.18 4.91
N ALA A 726 -22.75 -1.15 4.46
CA ALA A 726 -22.36 -0.43 3.25
C ALA A 726 -21.34 0.66 3.56
N ILE A 727 -21.47 1.30 4.73
CA ILE A 727 -20.48 2.27 5.15
C ILE A 727 -19.14 1.59 5.41
N VAL A 728 -19.16 0.43 6.06
CA VAL A 728 -17.91 -0.29 6.34
C VAL A 728 -17.25 -0.74 5.05
N THR A 729 -18.04 -1.14 4.05
CA THR A 729 -17.49 -1.58 2.78
C THR A 729 -16.95 -0.43 1.95
N VAL A 730 -17.37 0.81 2.23
CA VAL A 730 -16.81 1.96 1.53
C VAL A 730 -15.57 2.46 2.25
N PHE A 731 -15.58 2.44 3.59
CA PHE A 731 -14.38 2.76 4.34
C PHE A 731 -13.27 1.75 4.05
N GLN A 732 -13.62 0.47 3.95
CA GLN A 732 -12.63 -0.55 3.68
C GLN A 732 -11.99 -0.35 2.30
N ILE A 733 -12.79 0.02 1.30
CA ILE A 733 -12.26 0.25 -0.03
C ILE A 733 -11.25 1.38 -0.02
N LEU A 734 -11.56 2.46 0.71
CA LEU A 734 -10.66 3.61 0.74
C LEU A 734 -9.31 3.23 1.35
N THR A 735 -9.32 2.40 2.39
CA THR A 735 -8.07 1.89 2.95
C THR A 735 -7.37 0.92 2.00
N GLN A 736 -8.05 0.48 0.94
CA GLN A 736 -7.45 -0.38 -0.09
C GLN A 736 -6.99 -1.71 0.51
N GLU A 737 -7.93 -2.40 1.14
CA GLU A 737 -7.71 -3.74 1.68
C GLU A 737 -8.79 -4.65 1.12
N ASP A 738 -8.39 -5.57 0.25
CA ASP A 738 -9.32 -6.48 -0.43
C ASP A 738 -10.34 -5.73 -1.28
N TRP A 739 -10.03 -4.49 -1.66
CA TRP A 739 -10.96 -3.73 -2.49
C TRP A 739 -11.20 -4.41 -3.83
N ASN A 740 -10.26 -5.26 -4.27
CA ASN A 740 -10.45 -5.98 -5.52
C ASN A 740 -11.44 -7.12 -5.37
N VAL A 741 -11.49 -7.76 -4.19
CA VAL A 741 -12.47 -8.81 -3.96
C VAL A 741 -13.88 -8.26 -4.11
N VAL A 742 -14.11 -7.05 -3.62
CA VAL A 742 -15.42 -6.42 -3.79
C VAL A 742 -15.64 -6.06 -5.26
N LEU A 743 -14.58 -5.65 -5.96
CA LEU A 743 -14.72 -5.25 -7.35
C LEU A 743 -15.17 -6.43 -8.21
N TYR A 744 -14.56 -7.60 -8.00
CA TYR A 744 -14.92 -8.76 -8.81
C TYR A 744 -16.38 -9.14 -8.63
N ASN A 745 -16.87 -9.11 -7.39
CA ASN A 745 -18.28 -9.40 -7.15
C ASN A 745 -19.17 -8.37 -7.83
N GLY A 746 -18.80 -7.09 -7.74
CA GLY A 746 -19.60 -6.06 -8.36
C GLY A 746 -19.66 -6.20 -9.87
N MET A 747 -18.53 -6.50 -10.50
CA MET A 747 -18.51 -6.66 -11.95
C MET A 747 -19.35 -7.84 -12.39
N ALA A 748 -19.21 -8.98 -11.70
CA ALA A 748 -19.97 -10.17 -12.08
C ALA A 748 -21.47 -9.95 -11.89
N SER A 749 -21.85 -9.31 -10.80
CA SER A 749 -23.27 -9.18 -10.48
C SER A 749 -23.99 -8.27 -11.47
N THR A 750 -23.49 -7.05 -11.68
CA THR A 750 -24.19 -6.06 -12.48
C THR A 750 -23.58 -6.01 -13.86
N SER A 751 -22.30 -5.66 -14.00
CA SER A 751 -21.69 -5.49 -15.31
C SER A 751 -20.22 -5.13 -15.14
N SER A 752 -19.45 -5.33 -16.20
CA SER A 752 -18.04 -4.96 -16.18
C SER A 752 -17.87 -3.46 -16.00
N TRP A 753 -18.85 -2.66 -16.44
CA TRP A 753 -18.81 -1.22 -16.27
C TRP A 753 -19.00 -0.80 -14.82
N ALA A 754 -19.27 -1.74 -13.91
CA ALA A 754 -19.33 -1.42 -12.49
C ALA A 754 -17.96 -1.04 -11.94
N ALA A 755 -16.88 -1.25 -12.71
CA ALA A 755 -15.56 -0.82 -12.28
C ALA A 755 -15.45 0.69 -12.18
N LEU A 756 -16.34 1.43 -12.85
CA LEU A 756 -16.31 2.88 -12.76
C LEU A 756 -16.67 3.37 -11.36
N TYR A 757 -17.52 2.62 -10.65
CA TYR A 757 -17.85 2.99 -9.28
C TYR A 757 -16.61 2.98 -8.39
N PHE A 758 -15.78 1.95 -8.52
CA PHE A 758 -14.59 1.84 -7.69
C PHE A 758 -13.47 2.77 -8.17
N VAL A 759 -13.43 3.07 -9.47
CA VAL A 759 -12.43 4.00 -9.97
C VAL A 759 -12.71 5.41 -9.46
N ALA A 760 -13.99 5.80 -9.42
CA ALA A 760 -14.34 7.12 -8.92
C ALA A 760 -14.19 7.22 -7.41
N LEU A 761 -14.62 6.18 -6.69
CA LEU A 761 -14.49 6.19 -5.24
C LEU A 761 -13.03 6.21 -4.81
N MET A 762 -12.19 5.41 -5.47
CA MET A 762 -10.78 5.35 -5.10
C MET A 762 -10.03 6.59 -5.54
N THR A 763 -10.44 7.21 -6.65
CA THR A 763 -9.71 8.38 -7.15
C THR A 763 -10.08 9.64 -6.36
N PHE A 764 -11.36 9.98 -6.31
CA PHE A 764 -11.77 11.18 -5.58
C PHE A 764 -11.49 11.05 -4.09
N GLY A 765 -11.42 9.83 -3.57
CA GLY A 765 -11.27 9.63 -2.15
C GLY A 765 -9.83 9.60 -1.67
N ASN A 766 -8.96 8.91 -2.40
CA ASN A 766 -7.59 8.69 -1.96
C ASN A 766 -6.58 9.64 -2.59
N TYR A 767 -6.78 10.04 -3.84
CA TYR A 767 -5.80 10.85 -4.55
C TYR A 767 -6.18 12.32 -4.66
N VAL A 768 -7.33 12.72 -4.13
CA VAL A 768 -7.76 14.12 -4.14
C VAL A 768 -8.09 14.61 -2.73
N LEU A 769 -9.02 13.93 -2.05
CA LEU A 769 -9.40 14.37 -0.72
C LEU A 769 -8.27 14.12 0.28
N PHE A 770 -7.63 12.96 0.22
CA PHE A 770 -6.56 12.67 1.17
C PHE A 770 -5.39 13.63 0.98
N ASN A 771 -5.01 13.88 -0.27
CA ASN A 771 -3.94 14.84 -0.53
C ASN A 771 -4.32 16.25 -0.12
N LEU A 772 -5.61 16.56 -0.07
CA LEU A 772 -6.05 17.86 0.42
C LEU A 772 -5.88 17.96 1.93
N LEU A 773 -6.10 16.87 2.65
CA LEU A 773 -5.89 16.89 4.10
C LEU A 773 -4.42 17.15 4.43
N VAL A 774 -3.51 16.55 3.67
CA VAL A 774 -2.08 16.79 3.90
C VAL A 774 -1.74 18.26 3.67
N ALA A 775 -2.29 18.85 2.61
CA ALA A 775 -2.03 20.25 2.34
C ALA A 775 -2.57 21.14 3.46
N ILE A 776 -3.72 20.77 4.03
CA ILE A 776 -4.26 21.53 5.15
C ILE A 776 -3.29 21.53 6.32
N LEU A 777 -2.72 20.37 6.63
CA LEU A 777 -1.79 20.28 7.75
C LEU A 777 -0.48 21.02 7.43
N VAL A 778 0.06 20.80 6.24
CA VAL A 778 1.37 21.36 5.91
C VAL A 778 1.31 22.88 5.93
N GLU A 779 0.28 23.47 5.31
CA GLU A 779 0.16 24.92 5.28
C GLU A 779 -0.10 25.46 6.67
N GLY A 780 -0.80 24.71 7.52
CA GLY A 780 -1.02 25.16 8.88
C GLY A 780 0.28 25.27 9.67
N PHE A 781 1.15 24.26 9.56
CA PHE A 781 2.44 24.32 10.23
C PHE A 781 3.39 25.27 9.52
N GLN A 782 3.36 25.27 8.18
CA GLN A 782 4.30 26.09 7.42
C GLN A 782 4.13 27.58 7.70
N ALA A 783 2.92 27.99 8.09
CA ALA A 783 2.65 29.40 8.37
C ALA A 783 2.88 29.70 9.85
N ARG A 1045 58.82 5.36 12.54
CA ARG A 1045 59.00 5.68 11.12
C ARG A 1045 57.95 4.96 10.29
N PHE A 1046 57.61 3.73 10.68
CA PHE A 1046 56.59 2.98 9.96
C PHE A 1046 55.22 3.63 10.10
N ARG A 1047 54.92 4.18 11.28
CA ARG A 1047 53.66 4.88 11.47
C ARG A 1047 53.47 5.97 10.41
N VAL A 1048 54.55 6.64 10.03
CA VAL A 1048 54.45 7.68 9.02
C VAL A 1048 54.00 7.09 7.69
N SER A 1049 54.55 5.93 7.32
CA SER A 1049 54.13 5.27 6.08
C SER A 1049 52.65 4.93 6.12
N CYS A 1050 52.17 4.41 7.25
CA CYS A 1050 50.75 4.13 7.38
C CYS A 1050 49.94 5.43 7.31
N GLN A 1051 50.43 6.49 7.96
CA GLN A 1051 49.78 7.79 7.84
C GLN A 1051 49.65 8.20 6.38
N LYS A 1052 50.69 7.92 5.58
CA LYS A 1052 50.66 8.30 4.17
C LYS A 1052 49.79 7.37 3.34
N VAL A 1053 49.77 6.08 3.64
CA VAL A 1053 49.02 5.13 2.82
C VAL A 1053 47.52 5.31 3.02
N ILE A 1054 47.07 5.49 4.27
CA ILE A 1054 45.65 5.67 4.52
C ILE A 1054 45.17 7.00 3.95
N THR A 1055 46.02 8.03 4.03
CA THR A 1055 45.68 9.33 3.48
C THR A 1055 45.75 9.37 1.96
N HIS A 1056 46.26 8.31 1.33
CA HIS A 1056 46.35 8.28 -0.12
C HIS A 1056 44.95 8.37 -0.73
N LYS A 1057 44.86 9.06 -1.86
CA LYS A 1057 43.55 9.37 -2.43
C LYS A 1057 42.79 8.10 -2.81
N MET A 1058 43.48 7.12 -3.39
CA MET A 1058 42.83 5.93 -3.92
C MET A 1058 42.70 4.80 -2.90
N PHE A 1059 43.09 5.03 -1.64
CA PHE A 1059 42.98 3.98 -0.64
C PHE A 1059 41.53 3.54 -0.46
N ASP A 1060 40.61 4.51 -0.39
CA ASP A 1060 39.20 4.16 -0.21
C ASP A 1060 38.66 3.36 -1.39
N HIS A 1061 39.01 3.78 -2.61
CA HIS A 1061 38.50 3.09 -3.79
C HIS A 1061 39.11 1.70 -3.94
N VAL A 1062 40.32 1.51 -3.44
CA VAL A 1062 40.92 0.17 -3.46
C VAL A 1062 40.19 -0.74 -2.48
N VAL A 1063 39.91 -0.23 -1.27
CA VAL A 1063 39.16 -1.02 -0.30
C VAL A 1063 37.71 -1.20 -0.75
N LEU A 1064 37.12 -0.15 -1.35
CA LEU A 1064 35.74 -0.25 -1.81
C LEU A 1064 35.59 -1.33 -2.86
N VAL A 1065 36.64 -1.60 -3.64
CA VAL A 1065 36.57 -2.69 -4.61
C VAL A 1065 36.53 -4.04 -3.91
N PHE A 1066 37.33 -4.21 -2.87
CA PHE A 1066 37.32 -5.48 -2.14
C PHE A 1066 35.97 -5.71 -1.49
N ILE A 1067 35.35 -4.66 -0.97
CA ILE A 1067 34.04 -4.80 -0.34
C ILE A 1067 33.00 -5.26 -1.36
N PHE A 1068 33.05 -4.70 -2.57
CA PHE A 1068 32.10 -5.11 -3.60
C PHE A 1068 32.25 -6.59 -3.92
N LEU A 1069 33.50 -7.05 -4.08
CA LEU A 1069 33.71 -8.49 -4.30
C LEU A 1069 33.22 -9.30 -3.12
N ASN A 1070 33.22 -8.71 -1.92
CA ASN A 1070 32.69 -9.41 -0.76
C ASN A 1070 31.17 -9.50 -0.79
N CYS A 1071 30.52 -8.58 -1.50
CA CYS A 1071 29.07 -8.65 -1.65
C CYS A 1071 28.66 -9.80 -2.57
N VAL A 1072 29.43 -10.04 -3.63
CA VAL A 1072 29.12 -11.13 -4.55
C VAL A 1072 29.25 -12.47 -3.83
N THR A 1073 30.24 -12.60 -2.94
CA THR A 1073 30.39 -13.82 -2.17
C THR A 1073 29.17 -14.05 -1.27
N ILE A 1074 28.67 -12.99 -0.65
CA ILE A 1074 27.47 -13.12 0.18
C ILE A 1074 26.27 -13.48 -0.65
N ALA A 1075 26.15 -12.92 -1.85
CA ALA A 1075 24.97 -13.13 -2.68
C ALA A 1075 24.91 -14.52 -3.28
N LEU A 1076 26.01 -15.27 -3.29
CA LEU A 1076 26.02 -16.63 -3.81
C LEU A 1076 25.62 -17.67 -2.76
N GLU A 1077 25.53 -17.28 -1.49
CA GLU A 1077 25.21 -18.23 -0.43
C GLU A 1077 23.73 -18.60 -0.48
N ARG A 1078 23.45 -19.89 -0.41
CA ARG A 1078 22.08 -20.39 -0.42
C ARG A 1078 22.07 -21.78 0.18
N PRO A 1079 20.92 -22.24 0.68
CA PRO A 1079 20.88 -23.53 1.37
C PRO A 1079 21.29 -24.72 0.50
N ASP A 1080 20.97 -24.69 -0.79
CA ASP A 1080 21.11 -25.87 -1.64
C ASP A 1080 22.53 -26.09 -2.14
N ILE A 1081 23.53 -25.45 -1.54
CA ILE A 1081 24.91 -25.70 -1.93
C ILE A 1081 25.37 -27.01 -1.31
N ASP A 1082 25.89 -27.91 -2.14
CA ASP A 1082 26.39 -29.18 -1.64
C ASP A 1082 27.71 -28.95 -0.91
N PRO A 1083 27.83 -29.39 0.35
CA PRO A 1083 29.08 -29.12 1.09
C PRO A 1083 30.33 -29.61 0.40
N GLY A 1084 30.27 -30.75 -0.28
CA GLY A 1084 31.44 -31.30 -0.94
C GLY A 1084 31.76 -30.66 -2.28
N SER A 1085 30.83 -29.89 -2.84
CA SER A 1085 31.05 -29.29 -4.15
C SER A 1085 32.19 -28.28 -4.09
N THR A 1086 32.73 -27.97 -5.28
CA THR A 1086 33.81 -26.98 -5.35
C THR A 1086 33.35 -25.60 -4.97
N GLU A 1087 32.08 -25.26 -5.26
CA GLU A 1087 31.59 -23.92 -4.95
C GLU A 1087 31.63 -23.66 -3.45
N ARG A 1088 31.25 -24.64 -2.64
CA ARG A 1088 31.35 -24.49 -1.19
C ARG A 1088 32.80 -24.25 -0.77
N VAL A 1089 33.73 -25.00 -1.35
CA VAL A 1089 35.14 -24.83 -1.01
C VAL A 1089 35.60 -23.43 -1.41
N PHE A 1090 35.21 -22.97 -2.60
CA PHE A 1090 35.61 -21.65 -3.05
C PHE A 1090 35.07 -20.57 -2.13
N LEU A 1091 33.80 -20.68 -1.73
CA LEU A 1091 33.22 -19.67 -0.85
C LEU A 1091 33.95 -19.64 0.49
N SER A 1092 34.32 -20.81 1.02
CA SER A 1092 35.03 -20.87 2.29
C SER A 1092 36.39 -20.18 2.20
N VAL A 1093 37.13 -20.44 1.11
CA VAL A 1093 38.46 -19.86 0.97
C VAL A 1093 38.37 -18.34 0.84
N SER A 1094 37.45 -17.86 0.01
CA SER A 1094 37.30 -16.42 -0.16
C SER A 1094 36.97 -15.73 1.15
N ASN A 1095 36.23 -16.41 2.03
CA ASN A 1095 35.92 -15.82 3.33
C ASN A 1095 37.18 -15.55 4.13
N TYR A 1096 38.12 -16.51 4.14
CA TYR A 1096 39.37 -16.30 4.87
C TYR A 1096 40.19 -15.17 4.26
N ILE A 1097 40.20 -15.06 2.94
CA ILE A 1097 40.97 -14.01 2.28
C ILE A 1097 40.45 -12.64 2.70
N PHE A 1098 39.13 -12.46 2.64
CA PHE A 1098 38.56 -11.15 2.97
C PHE A 1098 38.75 -10.82 4.45
N THR A 1099 38.60 -11.80 5.33
CA THR A 1099 38.80 -11.55 6.75
C THR A 1099 40.23 -11.06 7.02
N ALA A 1100 41.22 -11.72 6.41
CA ALA A 1100 42.60 -11.27 6.56
C ALA A 1100 42.80 -9.89 5.95
N ILE A 1101 42.20 -9.64 4.79
CA ILE A 1101 42.39 -8.35 4.11
C ILE A 1101 41.88 -7.21 4.97
N PHE A 1102 40.68 -7.36 5.52
CA PHE A 1102 40.09 -6.28 6.32
C PHE A 1102 40.68 -6.19 7.72
N VAL A 1103 41.35 -7.25 8.19
CA VAL A 1103 42.11 -7.13 9.43
C VAL A 1103 43.33 -6.26 9.21
N ALA A 1104 44.03 -6.46 8.09
CA ALA A 1104 45.19 -5.62 7.78
C ALA A 1104 44.78 -4.17 7.59
N GLU A 1105 43.66 -3.94 6.89
CA GLU A 1105 43.18 -2.57 6.69
C GLU A 1105 42.86 -1.92 8.02
N MET A 1106 42.20 -2.66 8.92
CA MET A 1106 41.97 -2.15 10.26
C MET A 1106 43.27 -1.98 11.02
N MET A 1107 44.18 -2.95 10.90
CA MET A 1107 45.43 -2.91 11.65
C MET A 1107 46.30 -1.74 11.23
N VAL A 1108 46.38 -1.46 9.93
CA VAL A 1108 47.20 -0.36 9.46
C VAL A 1108 46.63 0.97 9.94
N LYS A 1109 45.30 1.09 9.95
CA LYS A 1109 44.68 2.34 10.38
C LYS A 1109 44.94 2.61 11.86
N VAL A 1110 44.81 1.59 12.71
CA VAL A 1110 45.01 1.80 14.14
C VAL A 1110 46.45 2.22 14.42
N VAL A 1111 47.42 1.57 13.78
CA VAL A 1111 48.82 1.90 14.00
C VAL A 1111 49.07 3.36 13.62
N ALA A 1112 48.44 3.82 12.55
CA ALA A 1112 48.66 5.19 12.10
C ALA A 1112 47.94 6.20 12.99
N LEU A 1113 46.84 5.79 13.62
CA LEU A 1113 45.99 6.71 14.36
C LEU A 1113 45.87 6.39 15.85
N GLY A 1114 46.24 5.18 16.27
CA GLY A 1114 46.07 4.79 17.66
C GLY A 1114 44.64 4.38 17.96
N LEU A 1115 44.46 3.39 18.83
CA LEU A 1115 43.12 2.88 19.11
C LEU A 1115 42.19 3.96 19.66
N LEU A 1116 42.47 4.44 20.87
CA LEU A 1116 41.60 5.41 21.52
C LEU A 1116 42.33 6.55 22.23
N SER A 1117 43.61 6.38 22.59
CA SER A 1117 44.26 7.37 23.44
C SER A 1117 44.32 8.74 22.77
N GLY A 1118 44.65 8.78 21.48
CA GLY A 1118 44.77 10.05 20.79
C GLY A 1118 43.44 10.75 20.61
N GLU A 1119 43.50 12.07 20.46
CA GLU A 1119 42.29 12.84 20.18
C GLU A 1119 41.69 12.44 18.84
N HIS A 1120 42.54 12.18 17.85
CA HIS A 1120 42.10 11.70 16.53
C HIS A 1120 42.29 10.20 16.42
N ALA A 1121 42.02 9.48 17.51
CA ALA A 1121 42.23 8.04 17.54
C ALA A 1121 41.29 7.33 16.57
N TYR A 1122 41.58 6.05 16.34
CA TYR A 1122 40.80 5.28 15.36
C TYR A 1122 39.34 5.16 15.80
N LEU A 1123 39.10 4.89 17.08
CA LEU A 1123 37.74 4.67 17.59
C LEU A 1123 37.08 5.96 18.04
N GLN A 1124 37.51 7.11 17.53
CA GLN A 1124 36.87 8.38 17.85
C GLN A 1124 35.72 8.72 16.91
N SER A 1125 35.49 7.91 15.88
CA SER A 1125 34.38 8.11 14.96
C SER A 1125 33.53 6.85 14.94
N SER A 1126 32.20 7.04 14.89
CA SER A 1126 31.29 5.89 14.94
C SER A 1126 31.51 4.98 13.75
N TRP A 1127 31.78 5.55 12.57
CA TRP A 1127 32.00 4.72 11.39
C TRP A 1127 33.22 3.83 11.57
N ASN A 1128 34.31 4.37 12.12
CA ASN A 1128 35.45 3.54 12.45
C ASN A 1128 35.09 2.49 13.48
N LEU A 1129 34.29 2.87 14.48
CA LEU A 1129 33.82 1.90 15.46
C LEU A 1129 33.02 0.81 14.79
N LEU A 1130 32.12 1.18 13.87
CA LEU A 1130 31.31 0.20 13.17
C LEU A 1130 32.18 -0.89 12.55
N ASP A 1131 33.25 -0.48 11.87
CA ASP A 1131 34.18 -1.46 11.30
C ASP A 1131 34.86 -2.29 12.36
N GLY A 1132 34.91 -1.80 13.60
CA GLY A 1132 35.54 -2.58 14.66
C GLY A 1132 34.73 -3.82 15.02
N LEU A 1133 33.42 -3.66 15.22
CA LEU A 1133 32.59 -4.81 15.58
C LEU A 1133 32.56 -5.83 14.46
N LEU A 1134 32.43 -5.38 13.21
CA LEU A 1134 32.35 -6.31 12.09
C LEU A 1134 33.61 -7.17 12.01
N VAL A 1135 34.78 -6.56 12.16
CA VAL A 1135 36.01 -7.33 12.18
C VAL A 1135 36.07 -8.24 13.39
N LEU A 1136 35.70 -7.71 14.57
CA LEU A 1136 35.79 -8.51 15.79
C LEU A 1136 34.94 -9.77 15.67
N VAL A 1137 33.74 -9.66 15.09
CA VAL A 1137 32.89 -10.83 14.90
C VAL A 1137 33.58 -11.83 13.99
N SER A 1138 34.23 -11.34 12.93
CA SER A 1138 34.88 -12.23 11.98
C SER A 1138 35.95 -13.09 12.65
N LEU A 1139 36.76 -12.48 13.52
CA LEU A 1139 37.76 -13.25 14.25
C LEU A 1139 37.10 -14.31 15.14
N VAL A 1140 36.01 -13.93 15.82
CA VAL A 1140 35.29 -14.90 16.63
C VAL A 1140 34.76 -16.04 15.76
N ASP A 1141 34.32 -15.71 14.54
CA ASP A 1141 33.84 -16.74 13.63
C ASP A 1141 34.94 -17.74 13.31
N ILE A 1142 36.15 -17.24 13.08
CA ILE A 1142 37.27 -18.13 12.78
C ILE A 1142 37.53 -19.09 13.94
N VAL A 1143 37.50 -18.57 15.17
CA VAL A 1143 37.77 -19.41 16.33
C VAL A 1143 36.71 -20.51 16.44
N VAL A 1144 35.44 -20.16 16.26
CA VAL A 1144 34.37 -21.15 16.34
C VAL A 1144 34.54 -22.18 15.22
N ALA A 1145 34.89 -21.73 14.02
CA ALA A 1145 35.15 -22.67 12.93
C ALA A 1145 36.35 -23.55 13.27
N MET A 1146 37.36 -22.99 13.94
CA MET A 1146 38.51 -23.78 14.35
C MET A 1146 38.08 -24.90 15.30
N ALA A 1147 37.20 -24.59 16.23
CA ALA A 1147 36.71 -25.60 17.18
C ALA A 1147 35.71 -26.53 16.51
N GLY A 1151 33.96 -29.63 16.13
CA GLY A 1151 34.23 -30.74 17.02
C GLY A 1151 33.76 -30.48 18.44
N ALA A 1152 32.69 -29.72 18.57
CA ALA A 1152 32.15 -29.37 19.88
C ALA A 1152 30.69 -28.96 19.71
N LYS A 1153 29.97 -28.93 20.83
CA LYS A 1153 28.58 -28.48 20.84
C LYS A 1153 28.59 -26.97 20.82
N ILE A 1154 28.82 -26.40 19.64
CA ILE A 1154 28.82 -24.95 19.45
C ILE A 1154 27.96 -24.60 18.24
N LEU A 1155 27.03 -25.50 17.88
CA LEU A 1155 26.20 -25.24 16.70
C LEU A 1155 25.35 -23.99 16.89
N GLY A 1156 24.77 -23.80 18.08
CA GLY A 1156 23.95 -22.63 18.31
C GLY A 1156 24.71 -21.33 18.08
N VAL A 1157 25.94 -21.26 18.61
CA VAL A 1157 26.75 -20.06 18.40
C VAL A 1157 27.04 -19.87 16.92
N LEU A 1158 27.38 -20.96 16.21
CA LEU A 1158 27.67 -20.84 14.79
C LEU A 1158 26.47 -20.31 14.01
N ARG A 1159 25.26 -20.54 14.50
CA ARG A 1159 24.07 -20.04 13.81
C ARG A 1159 23.91 -18.54 14.00
N VAL A 1160 24.13 -18.04 15.22
CA VAL A 1160 24.02 -16.60 15.47
C VAL A 1160 25.07 -15.85 14.67
N LEU A 1161 26.31 -16.35 14.65
CA LEU A 1161 27.35 -15.70 13.88
C LEU A 1161 26.97 -15.62 12.40
N ARG A 1162 26.41 -16.70 11.86
CA ARG A 1162 26.00 -16.71 10.46
C ARG A 1162 25.01 -15.60 10.16
N LEU A 1163 24.18 -15.23 11.14
CA LEU A 1163 23.21 -14.18 10.93
C LEU A 1163 23.87 -12.80 10.92
N LEU A 1164 24.80 -12.57 11.84
CA LEU A 1164 25.45 -11.26 11.91
C LEU A 1164 26.40 -11.01 10.74
N ARG A 1165 26.89 -12.07 10.09
CA ARG A 1165 27.81 -11.88 8.97
C ARG A 1165 27.13 -11.33 7.73
N THR A 1166 25.82 -11.07 7.77
CA THR A 1166 25.11 -10.42 6.68
C THR A 1166 25.13 -8.90 6.78
N LEU A 1167 25.69 -8.35 7.86
CA LEU A 1167 25.82 -6.91 8.03
C LEU A 1167 27.12 -6.38 7.44
N ARG A 1168 27.93 -7.23 6.82
CA ARG A 1168 29.17 -6.77 6.21
C ARG A 1168 28.94 -5.66 5.18
N PRO A 1169 27.93 -5.73 4.31
CA PRO A 1169 27.73 -4.64 3.33
C PRO A 1169 27.55 -3.26 3.97
N LEU A 1170 27.32 -3.17 5.27
CA LEU A 1170 27.17 -1.86 5.91
C LEU A 1170 28.43 -1.02 5.82
N ARG A 1171 29.57 -1.63 5.52
CA ARG A 1171 30.83 -0.90 5.44
C ARG A 1171 30.91 -0.01 4.21
N VAL A 1172 29.97 -0.14 3.26
CA VAL A 1172 30.01 0.69 2.06
C VAL A 1172 29.68 2.14 2.36
N ILE A 1173 28.96 2.41 3.43
CA ILE A 1173 28.50 3.78 3.70
C ILE A 1173 29.68 4.69 3.99
N SER A 1174 30.60 4.24 4.84
CA SER A 1174 31.75 5.08 5.19
C SER A 1174 32.69 5.29 4.02
N ARG A 1175 32.60 4.46 2.98
CA ARG A 1175 33.48 4.59 1.82
C ARG A 1175 32.90 5.47 0.73
N ALA A 1176 31.59 5.69 0.73
CA ALA A 1176 30.94 6.51 -0.28
C ALA A 1176 30.53 7.84 0.33
N PRO A 1177 31.17 8.97 0.00
CA PRO A 1177 30.80 10.23 0.64
C PRO A 1177 29.34 10.59 0.46
N GLY A 1178 28.76 10.32 -0.71
CA GLY A 1178 27.36 10.62 -0.93
C GLY A 1178 26.45 9.84 -0.01
N LEU A 1179 26.71 8.54 0.16
CA LEU A 1179 25.89 7.73 1.04
C LEU A 1179 26.05 8.14 2.50
N LYS A 1180 27.26 8.50 2.91
CA LYS A 1180 27.48 8.92 4.29
C LYS A 1180 26.67 10.16 4.62
N LEU A 1181 26.59 11.11 3.68
CA LEU A 1181 25.86 12.34 3.93
C LEU A 1181 24.37 12.07 4.09
N VAL A 1182 23.78 11.33 3.16
CA VAL A 1182 22.33 11.11 3.20
C VAL A 1182 21.93 10.33 4.44
N VAL A 1183 22.75 9.34 4.83
CA VAL A 1183 22.44 8.57 6.03
C VAL A 1183 22.45 9.47 7.25
N GLU A 1184 23.44 10.35 7.36
CA GLU A 1184 23.47 11.31 8.45
C GLU A 1184 22.29 12.26 8.39
N THR A 1185 21.79 12.54 7.18
CA THR A 1185 20.62 13.40 7.04
C THR A 1185 19.36 12.72 7.55
N LEU A 1186 19.15 11.45 7.17
CA LEU A 1186 17.97 10.73 7.62
C LEU A 1186 17.93 10.66 9.14
N ILE A 1187 19.06 10.35 9.77
CA ILE A 1187 19.11 10.31 11.24
C ILE A 1187 18.81 11.68 11.82
N SER A 1188 19.05 12.75 11.07
CA SER A 1188 18.68 14.08 11.52
C SER A 1188 17.17 14.30 11.42
N SER A 1189 16.55 13.83 10.35
CA SER A 1189 15.11 14.03 10.16
C SER A 1189 14.28 13.38 11.26
N LEU A 1190 14.84 12.41 11.97
CA LEU A 1190 14.09 11.75 13.03
C LEU A 1190 13.91 12.64 14.25
N ARG A 1191 14.87 13.52 14.52
CA ARG A 1191 14.83 14.33 15.73
C ARG A 1191 13.55 15.16 15.84
N PRO A 1192 13.14 15.93 14.82
CA PRO A 1192 11.92 16.73 14.98
C PRO A 1192 10.67 15.92 15.28
N ILE A 1193 10.57 14.71 14.74
CA ILE A 1193 9.39 13.88 14.90
C ILE A 1193 9.60 12.80 15.98
N GLY A 1194 10.60 12.98 16.85
CA GLY A 1194 10.83 12.01 17.89
C GLY A 1194 9.68 11.93 18.87
N ASN A 1195 9.12 13.08 19.25
CA ASN A 1195 8.03 13.08 20.22
C ASN A 1195 6.80 12.37 19.67
N ILE A 1196 6.47 12.60 18.39
CA ILE A 1196 5.31 11.95 17.80
C ILE A 1196 5.49 10.44 17.79
N VAL A 1197 6.71 9.97 17.53
CA VAL A 1197 6.98 8.53 17.58
C VAL A 1197 6.76 8.02 19.00
N LEU A 1198 7.22 8.76 20.00
CA LEU A 1198 7.00 8.36 21.39
C LEU A 1198 5.52 8.35 21.72
N ILE A 1199 4.78 9.36 21.25
CA ILE A 1199 3.33 9.36 21.46
C ILE A 1199 2.69 8.22 20.69
N CYS A 1200 3.20 7.90 19.50
CA CYS A 1200 2.65 6.79 18.73
C CYS A 1200 2.97 5.46 19.40
N CYS A 1201 4.15 5.33 20.01
CA CYS A 1201 4.48 4.11 20.71
C CYS A 1201 3.68 3.95 22.00
N ALA A 1202 3.21 5.07 22.56
CA ALA A 1202 2.40 5.00 23.78
C ALA A 1202 0.98 4.53 23.46
N PHE A 1203 0.46 4.92 22.29
CA PHE A 1203 -0.88 4.48 21.92
C PHE A 1203 -0.91 3.01 21.53
N PHE A 1204 0.21 2.49 21.01
CA PHE A 1204 0.27 1.06 20.70
C PHE A 1204 0.11 0.22 21.96
N ILE A 1205 0.75 0.63 23.05
CA ILE A 1205 0.66 -0.13 24.30
C ILE A 1205 -0.73 0.00 24.90
N ILE A 1206 -1.29 1.22 24.92
CA ILE A 1206 -2.60 1.42 25.52
C ILE A 1206 -3.67 0.61 24.80
N PHE A 1207 -3.66 0.66 23.47
CA PHE A 1207 -4.61 -0.14 22.70
C PHE A 1207 -4.25 -1.62 22.74
N GLY A 1208 -2.96 -1.94 22.86
CA GLY A 1208 -2.57 -3.33 23.01
C GLY A 1208 -3.05 -3.93 24.32
N ILE A 1209 -2.95 -3.17 25.42
CA ILE A 1209 -3.45 -3.67 26.69
C ILE A 1209 -4.97 -3.75 26.67
N LEU A 1210 -5.63 -2.77 26.05
CA LEU A 1210 -7.08 -2.83 25.93
C LEU A 1210 -7.51 -4.03 25.11
N GLY A 1211 -6.83 -4.30 23.99
CA GLY A 1211 -7.19 -5.43 23.17
C GLY A 1211 -7.00 -6.76 23.87
N VAL A 1212 -5.97 -6.88 24.70
CA VAL A 1212 -5.76 -8.12 25.44
C VAL A 1212 -6.93 -8.39 26.36
N GLN A 1213 -7.39 -7.38 27.08
CA GLN A 1213 -8.49 -7.57 28.02
C GLN A 1213 -9.75 -8.02 27.31
N LEU A 1214 -10.04 -7.44 26.14
CA LEU A 1214 -11.27 -7.77 25.43
C LEU A 1214 -11.16 -9.14 24.74
N PHE A 1215 -10.00 -9.46 24.17
CA PHE A 1215 -9.89 -10.55 23.20
C PHE A 1215 -8.96 -11.68 23.63
N LYS A 1216 -8.45 -11.69 24.86
CA LYS A 1216 -7.54 -12.74 25.26
C LYS A 1216 -8.30 -14.05 25.45
N GLY A 1217 -7.83 -15.11 24.79
CA GLY A 1217 -8.41 -16.42 24.90
C GLY A 1217 -9.59 -16.68 23.99
N LYS A 1218 -10.03 -15.69 23.22
CA LYS A 1218 -11.22 -15.82 22.40
C LYS A 1218 -10.94 -15.98 20.92
N PHE A 1219 -9.67 -16.04 20.51
CA PHE A 1219 -9.32 -16.13 19.08
C PHE A 1219 -9.05 -17.55 18.65
N TYR A 1220 -9.74 -18.52 19.24
CA TYR A 1220 -9.66 -19.91 18.84
C TYR A 1220 -10.87 -20.26 18.01
N TYR A 1221 -10.69 -21.23 17.10
CA TYR A 1221 -11.79 -21.69 16.26
C TYR A 1221 -11.58 -23.15 15.91
N CYS A 1222 -12.67 -23.80 15.53
CA CYS A 1222 -12.65 -25.20 15.13
C CYS A 1222 -12.39 -25.28 13.64
N GLU A 1223 -11.34 -26.00 13.25
CA GLU A 1223 -10.94 -26.11 11.85
C GLU A 1223 -11.34 -27.48 11.32
N GLY A 1224 -12.13 -27.49 10.26
CA GLY A 1224 -12.58 -28.72 9.65
C GLY A 1224 -13.43 -28.48 8.43
N PRO A 1225 -13.66 -29.53 7.64
CA PRO A 1225 -14.48 -29.36 6.41
C PRO A 1225 -15.88 -28.85 6.68
N ASP A 1226 -16.50 -29.27 7.78
CA ASP A 1226 -17.87 -28.85 8.08
C ASP A 1226 -17.99 -28.70 9.59
N THR A 1227 -18.26 -27.48 10.04
CA THR A 1227 -18.34 -27.17 11.46
C THR A 1227 -19.59 -26.38 11.80
N ARG A 1228 -20.66 -26.54 11.02
CA ARG A 1228 -21.90 -25.84 11.31
C ARG A 1228 -22.54 -26.33 12.60
N ASN A 1229 -22.18 -27.53 13.05
CA ASN A 1229 -22.74 -28.10 14.27
C ASN A 1229 -21.89 -27.85 15.50
N ILE A 1230 -20.71 -27.26 15.35
CA ILE A 1230 -19.79 -27.09 16.47
C ILE A 1230 -20.08 -25.79 17.19
N SER A 1231 -20.01 -25.83 18.52
CA SER A 1231 -20.21 -24.64 19.33
C SER A 1231 -19.16 -24.45 20.43
N THR A 1232 -18.46 -25.50 20.86
CA THR A 1232 -17.49 -25.40 21.95
C THR A 1232 -16.22 -26.15 21.56
N LYS A 1233 -15.26 -26.18 22.49
CA LYS A 1233 -14.04 -26.94 22.26
C LYS A 1233 -14.32 -28.44 22.24
N ALA A 1234 -15.08 -28.93 23.22
CA ALA A 1234 -15.32 -30.37 23.32
C ALA A 1234 -15.98 -30.89 22.06
N GLN A 1235 -16.97 -30.17 21.53
CA GLN A 1235 -17.60 -30.59 20.29
C GLN A 1235 -16.60 -30.63 19.15
N CYS A 1236 -15.55 -29.80 19.21
CA CYS A 1236 -14.52 -29.84 18.18
C CYS A 1236 -13.65 -31.08 18.33
N ARG A 1237 -13.41 -31.52 19.57
CA ARG A 1237 -12.66 -32.75 19.78
C ARG A 1237 -13.51 -33.97 19.46
N ALA A 1238 -14.79 -33.95 19.84
CA ALA A 1238 -15.66 -35.09 19.57
C ALA A 1238 -15.81 -35.33 18.08
N ALA A 1239 -15.98 -34.26 17.29
CA ALA A 1239 -16.10 -34.39 15.85
C ALA A 1239 -14.77 -34.71 15.17
N HIS A 1240 -13.71 -34.94 15.94
CA HIS A 1240 -12.39 -35.25 15.39
C HIS A 1240 -11.86 -34.11 14.52
N TYR A 1241 -12.32 -32.89 14.79
CA TYR A 1241 -11.76 -31.71 14.18
C TYR A 1241 -10.71 -31.09 15.10
N ARG A 1242 -9.93 -30.17 14.56
CA ARG A 1242 -8.82 -29.57 15.28
C ARG A 1242 -9.22 -28.20 15.84
N TRP A 1243 -8.77 -27.93 17.06
CA TRP A 1243 -9.03 -26.67 17.74
C TRP A 1243 -7.74 -25.86 17.71
N VAL A 1244 -7.70 -24.83 16.87
CA VAL A 1244 -6.47 -24.10 16.60
C VAL A 1244 -6.62 -22.64 16.96
N ARG A 1245 -5.54 -21.87 16.80
CA ARG A 1245 -5.48 -20.47 17.18
C ARG A 1245 -5.05 -19.62 16.00
N ARG A 1246 -5.57 -18.40 15.94
CA ARG A 1246 -5.16 -17.45 14.91
C ARG A 1246 -3.72 -17.03 15.13
N LYS A 1247 -3.00 -16.83 14.02
CA LYS A 1247 -1.63 -16.34 14.12
C LYS A 1247 -1.59 -14.96 14.78
N TYR A 1248 -2.52 -14.08 14.39
CA TYR A 1248 -2.60 -12.72 14.93
C TYR A 1248 -3.79 -12.66 15.88
N ASN A 1249 -3.49 -12.67 17.18
CA ASN A 1249 -4.51 -12.65 18.22
C ASN A 1249 -4.07 -11.67 19.30
N PHE A 1250 -4.79 -11.67 20.42
CA PHE A 1250 -4.54 -10.76 21.53
C PHE A 1250 -4.44 -11.53 22.84
N ASP A 1251 -3.76 -12.69 22.80
CA ASP A 1251 -3.63 -13.49 24.01
C ASP A 1251 -2.81 -12.76 25.07
N ASN A 1252 -1.78 -12.03 24.65
CA ASN A 1252 -0.91 -11.30 25.56
C ASN A 1252 -0.32 -10.11 24.83
N LEU A 1253 0.26 -9.18 25.60
CA LEU A 1253 0.75 -7.95 25.01
C LEU A 1253 1.78 -8.19 23.92
N GLY A 1254 2.50 -9.31 23.97
CA GLY A 1254 3.40 -9.65 22.88
C GLY A 1254 2.65 -9.96 21.60
N GLN A 1255 1.55 -10.72 21.71
CA GLN A 1255 0.73 -11.02 20.54
C GLN A 1255 -0.11 -9.81 20.12
N ALA A 1256 -0.51 -8.97 21.08
CA ALA A 1256 -1.33 -7.82 20.74
C ALA A 1256 -0.56 -6.79 19.95
N LEU A 1257 0.72 -6.58 20.28
CA LEU A 1257 1.50 -5.60 19.54
C LEU A 1257 1.79 -6.06 18.12
N MET A 1258 1.99 -7.36 17.92
CA MET A 1258 2.19 -7.87 16.56
C MET A 1258 0.91 -7.75 15.74
N SER A 1259 -0.25 -7.91 16.37
CA SER A 1259 -1.51 -7.78 15.63
C SER A 1259 -1.81 -6.32 15.31
N LEU A 1260 -1.45 -5.41 16.21
CA LEU A 1260 -1.75 -4.00 15.99
C LEU A 1260 -0.90 -3.42 14.87
N PHE A 1261 0.36 -3.85 14.76
CA PHE A 1261 1.20 -3.35 13.67
C PHE A 1261 0.64 -3.77 12.32
N VAL A 1262 0.14 -5.01 12.22
CA VAL A 1262 -0.49 -5.45 10.99
C VAL A 1262 -1.72 -4.60 10.68
N LEU A 1263 -2.51 -4.29 11.71
CA LEU A 1263 -3.65 -3.41 11.52
C LEU A 1263 -3.21 -2.03 11.00
N SER A 1264 -2.21 -1.44 11.67
CA SER A 1264 -1.77 -0.11 11.28
C SER A 1264 -1.25 -0.09 9.85
N SER A 1265 -0.56 -1.15 9.44
CA SER A 1265 -0.10 -1.27 8.05
C SER A 1265 -1.23 -1.35 7.06
N LYS A 1266 -2.47 -1.61 7.52
CA LYS A 1266 -3.63 -1.69 6.65
C LYS A 1266 -3.47 -2.82 5.63
N ASP A 1267 -2.80 -3.89 6.03
CA ASP A 1267 -2.67 -5.10 5.24
C ASP A 1267 -3.13 -6.27 6.08
N GLY A 1268 -4.24 -6.90 5.68
CA GLY A 1268 -4.84 -7.93 6.47
C GLY A 1268 -5.61 -7.43 7.68
N TRP A 1269 -5.83 -6.13 7.78
CA TRP A 1269 -6.54 -5.57 8.93
C TRP A 1269 -8.00 -5.99 8.97
N VAL A 1270 -8.59 -6.34 7.83
CA VAL A 1270 -10.00 -6.72 7.81
C VAL A 1270 -10.21 -8.06 8.52
N ASN A 1271 -9.36 -9.05 8.22
CA ASN A 1271 -9.55 -10.37 8.80
C ASN A 1271 -9.34 -10.37 10.31
N ILE A 1272 -8.49 -9.48 10.83
CA ILE A 1272 -8.38 -9.34 12.28
C ILE A 1272 -9.65 -8.71 12.84
N MET A 1273 -10.25 -7.78 12.09
CA MET A 1273 -11.51 -7.19 12.54
C MET A 1273 -12.60 -8.24 12.63
N TYR A 1274 -12.67 -9.14 11.64
CA TYR A 1274 -13.71 -10.17 11.66
C TYR A 1274 -13.57 -11.06 12.88
N ASP A 1275 -12.34 -11.40 13.26
CA ASP A 1275 -12.14 -12.22 14.46
C ASP A 1275 -12.62 -11.48 15.70
N GLY A 1276 -12.38 -10.17 15.77
CA GLY A 1276 -12.85 -9.40 16.91
C GLY A 1276 -14.37 -9.37 17.01
N LEU A 1277 -15.05 -9.20 15.87
CA LEU A 1277 -16.50 -9.20 15.87
C LEU A 1277 -17.06 -10.57 16.22
N ASP A 1278 -16.44 -11.63 15.73
CA ASP A 1278 -16.95 -12.98 15.92
C ASP A 1278 -16.65 -13.54 17.30
N ALA A 1279 -15.71 -12.96 18.04
CA ALA A 1279 -15.30 -13.54 19.31
C ALA A 1279 -16.49 -13.68 20.24
N VAL A 1280 -16.61 -14.85 20.87
CA VAL A 1280 -17.68 -15.17 21.79
C VAL A 1280 -17.17 -15.35 23.21
N GLY A 1281 -16.13 -16.14 23.38
CA GLY A 1281 -15.57 -16.39 24.70
C GLY A 1281 -14.54 -17.49 24.65
N VAL A 1282 -14.05 -17.83 25.84
CA VAL A 1282 -13.04 -18.88 25.96
C VAL A 1282 -13.68 -20.22 25.66
N ASP A 1283 -13.05 -21.00 24.77
CA ASP A 1283 -13.51 -22.33 24.42
C ASP A 1283 -14.90 -22.30 23.78
N GLN A 1284 -15.21 -21.23 23.06
CA GLN A 1284 -16.47 -21.08 22.34
C GLN A 1284 -16.20 -20.82 20.87
N GLN A 1285 -16.98 -21.46 20.01
CA GLN A 1285 -16.80 -21.27 18.57
C GLN A 1285 -17.27 -19.87 18.18
N PRO A 1286 -16.43 -19.08 17.50
CA PRO A 1286 -16.87 -17.74 17.10
C PRO A 1286 -18.08 -17.78 16.18
N VAL A 1287 -18.93 -16.76 16.31
CA VAL A 1287 -20.16 -16.65 15.56
C VAL A 1287 -20.11 -15.35 14.76
N GLN A 1288 -20.48 -15.43 13.47
CA GLN A 1288 -20.34 -14.29 12.59
C GLN A 1288 -21.06 -13.07 13.14
N ASN A 1289 -20.35 -11.93 13.15
CA ASN A 1289 -20.91 -10.65 13.57
C ASN A 1289 -21.63 -10.78 14.92
N HIS A 1290 -20.97 -11.48 15.85
CA HIS A 1290 -21.56 -11.66 17.18
C HIS A 1290 -21.66 -10.33 17.92
N ASN A 1291 -20.63 -9.49 17.83
CA ASN A 1291 -20.57 -8.22 18.56
C ASN A 1291 -20.18 -7.12 17.60
N PRO A 1292 -21.14 -6.60 16.82
CA PRO A 1292 -20.79 -5.52 15.86
C PRO A 1292 -20.27 -4.26 16.53
N TRP A 1293 -20.49 -4.09 17.83
CA TRP A 1293 -19.98 -2.91 18.53
C TRP A 1293 -18.45 -2.85 18.54
N MET A 1294 -17.78 -3.95 18.24
CA MET A 1294 -16.31 -3.96 18.26
C MET A 1294 -15.70 -3.20 17.08
N LEU A 1295 -16.52 -2.75 16.12
CA LEU A 1295 -15.99 -1.94 15.03
C LEU A 1295 -15.28 -0.71 15.55
N LEU A 1296 -15.74 -0.16 16.68
CA LEU A 1296 -15.13 1.06 17.21
C LEU A 1296 -13.68 0.83 17.59
N TYR A 1297 -13.37 -0.33 18.17
CA TYR A 1297 -11.99 -0.59 18.59
C TYR A 1297 -11.02 -0.58 17.43
N PHE A 1298 -11.41 -1.18 16.30
CA PHE A 1298 -10.50 -1.32 15.16
C PHE A 1298 -10.50 -0.09 14.27
N ILE A 1299 -11.67 0.46 13.94
CA ILE A 1299 -11.70 1.63 13.07
C ILE A 1299 -11.14 2.84 13.80
N SER A 1300 -11.35 2.94 15.11
CA SER A 1300 -10.75 4.05 15.86
C SER A 1300 -9.23 3.98 15.81
N PHE A 1301 -8.66 2.77 15.94
CA PHE A 1301 -7.21 2.63 15.90
C PHE A 1301 -6.65 3.06 14.55
N LEU A 1302 -7.30 2.66 13.46
CA LEU A 1302 -6.81 3.03 12.14
C LEU A 1302 -6.88 4.54 11.93
N LEU A 1303 -7.96 5.18 12.35
CA LEU A 1303 -8.08 6.63 12.17
C LEU A 1303 -7.05 7.37 13.00
N ILE A 1304 -6.82 6.95 14.24
CA ILE A 1304 -5.86 7.64 15.10
C ILE A 1304 -4.44 7.43 14.58
N VAL A 1305 -4.09 6.19 14.23
CA VAL A 1305 -2.72 5.91 13.79
C VAL A 1305 -2.43 6.63 12.48
N SER A 1306 -3.40 6.67 11.57
CA SER A 1306 -3.19 7.40 10.32
C SER A 1306 -3.03 8.89 10.58
N PHE A 1307 -3.62 9.41 11.65
CA PHE A 1307 -3.44 10.81 12.00
C PHE A 1307 -2.00 11.09 12.43
N PHE A 1308 -1.43 10.20 13.26
CA PHE A 1308 -0.04 10.37 13.68
C PHE A 1308 0.91 10.22 12.50
N VAL A 1309 0.64 9.27 11.61
CA VAL A 1309 1.52 9.07 10.46
C VAL A 1309 1.54 10.32 9.58
N LEU A 1310 0.40 11.00 9.46
CA LEU A 1310 0.37 12.25 8.72
C LEU A 1310 1.26 13.30 9.35
N ASN A 1311 1.31 13.35 10.68
CA ASN A 1311 2.13 14.33 11.37
C ASN A 1311 3.61 14.00 11.35
N MET A 1312 3.97 12.75 11.07
CA MET A 1312 5.37 12.43 10.83
C MET A 1312 5.81 12.93 9.47
N PHE A 1313 4.96 12.78 8.46
CA PHE A 1313 5.28 13.30 7.13
C PHE A 1313 5.37 14.82 7.14
N VAL A 1314 4.47 15.49 7.85
CA VAL A 1314 4.49 16.95 7.91
C VAL A 1314 5.70 17.43 8.71
N GLY A 1315 6.01 16.75 9.82
CA GLY A 1315 7.16 17.14 10.62
C GLY A 1315 8.47 17.04 9.86
N VAL A 1316 8.57 16.06 8.95
CA VAL A 1316 9.76 15.96 8.11
C VAL A 1316 9.80 17.10 7.11
N VAL A 1317 8.65 17.44 6.52
CA VAL A 1317 8.60 18.50 5.51
C VAL A 1317 8.89 19.85 6.14
N VAL A 1318 8.25 20.14 7.27
CA VAL A 1318 8.41 21.46 7.90
C VAL A 1318 9.86 21.68 8.30
N GLU A 1319 10.49 20.66 8.88
CA GLU A 1319 11.90 20.80 9.26
C GLU A 1319 12.77 21.01 8.03
N ASN A 1320 12.48 20.27 6.94
CA ASN A 1320 13.27 20.43 5.71
C ASN A 1320 13.14 21.84 5.15
N PHE A 1321 11.92 22.39 5.16
CA PHE A 1321 11.74 23.76 4.68
C PHE A 1321 12.54 24.74 5.53
N HIS A 1322 12.54 24.54 6.84
CA HIS A 1322 13.36 25.38 7.72
C HIS A 1322 14.83 25.26 7.34
N LYS A 1323 15.31 24.04 7.09
CA LYS A 1323 16.69 23.85 6.69
C LYS A 1323 16.97 24.45 5.33
N CYS A 1324 15.97 24.53 4.45
CA CYS A 1324 16.16 25.05 3.11
C CYS A 1324 16.11 26.57 3.06
N ARG A 1325 15.24 27.20 3.85
CA ARG A 1325 15.17 28.65 3.85
C ARG A 1325 16.42 29.27 4.46
N GLN A 1326 17.00 28.63 5.48
CA GLN A 1326 18.25 29.11 6.05
C GLN A 1326 19.42 28.94 5.09
N HIS A 1327 19.26 28.12 4.05
CA HIS A 1327 20.32 27.87 3.09
C HIS A 1327 19.92 28.36 1.70
N SER A 1367 16.63 29.38 -51.71
CA SER A 1367 15.97 29.18 -53.00
C SER A 1367 14.47 29.33 -52.86
N PRO A 1368 13.80 29.87 -53.88
CA PRO A 1368 12.34 30.02 -53.79
C PRO A 1368 11.62 28.70 -53.60
N THR A 1369 12.12 27.62 -54.22
CA THR A 1369 11.51 26.31 -54.05
C THR A 1369 11.67 25.79 -52.63
N ARG A 1370 12.70 26.27 -51.93
CA ARG A 1370 12.99 25.81 -50.57
C ARG A 1370 12.44 26.74 -49.49
N ARG A 1371 12.27 28.03 -49.80
CA ARG A 1371 11.81 28.97 -48.78
C ARG A 1371 10.41 28.60 -48.29
N SER A 1372 9.52 28.22 -49.20
CA SER A 1372 8.17 27.84 -48.79
C SER A 1372 8.20 26.63 -47.87
N ILE A 1373 9.05 25.65 -48.17
CA ILE A 1373 9.19 24.49 -47.29
C ILE A 1373 9.68 24.93 -45.92
N HIS A 1374 10.64 25.86 -45.89
CA HIS A 1374 11.14 26.36 -44.61
C HIS A 1374 10.04 27.04 -43.82
N SER A 1375 9.19 27.82 -44.51
CA SER A 1375 8.08 28.48 -43.83
C SER A 1375 7.13 27.46 -43.20
N LEU A 1376 6.82 26.39 -43.93
CA LEU A 1376 5.92 25.37 -43.40
C LEU A 1376 6.51 24.71 -42.16
N CYS A 1377 7.78 24.28 -42.24
CA CYS A 1377 8.40 23.60 -41.11
C CYS A 1377 8.49 24.51 -39.89
N THR A 1378 8.86 25.78 -40.09
CA THR A 1378 8.92 26.70 -38.97
C THR A 1378 7.54 27.02 -38.42
N SER A 1379 6.52 26.95 -39.26
CA SER A 1379 5.16 27.24 -38.82
C SER A 1379 4.64 26.14 -37.91
N HIS A 1380 3.75 26.52 -36.99
CA HIS A 1380 3.17 25.54 -36.07
C HIS A 1380 2.22 24.56 -36.78
N TYR A 1381 1.82 24.86 -38.02
CA TYR A 1381 0.84 24.02 -38.70
C TYR A 1381 1.30 22.58 -38.78
N LEU A 1382 2.55 22.37 -39.19
CA LEU A 1382 3.05 21.00 -39.35
C LEU A 1382 3.02 20.26 -38.02
N ASP A 1383 3.42 20.92 -36.94
CA ASP A 1383 3.46 20.26 -35.63
C ASP A 1383 2.06 19.85 -35.17
N LEU A 1384 1.08 20.74 -35.31
CA LEU A 1384 -0.27 20.40 -34.87
C LEU A 1384 -0.87 19.31 -35.75
N PHE A 1385 -0.54 19.30 -37.04
CA PHE A 1385 -1.02 18.24 -37.92
C PHE A 1385 -0.46 16.88 -37.48
N ILE A 1386 0.82 16.84 -37.12
CA ILE A 1386 1.41 15.59 -36.65
C ILE A 1386 0.72 15.13 -35.37
N THR A 1387 0.47 16.06 -34.45
CA THR A 1387 -0.22 15.69 -33.22
C THR A 1387 -1.60 15.13 -33.51
N PHE A 1388 -2.25 15.58 -34.58
CA PHE A 1388 -3.52 14.99 -34.97
C PHE A 1388 -3.34 13.59 -35.51
N ILE A 1389 -2.32 13.37 -36.34
CA ILE A 1389 -2.08 12.06 -36.91
C ILE A 1389 -1.79 11.06 -35.81
N ILE A 1390 -0.93 11.44 -34.85
CA ILE A 1390 -0.57 10.53 -33.77
C ILE A 1390 -1.78 10.25 -32.89
N CYS A 1391 -2.58 11.27 -32.59
CA CYS A 1391 -3.78 11.05 -31.80
C CYS A 1391 -4.71 10.06 -32.48
N VAL A 1392 -4.74 10.04 -33.81
CA VAL A 1392 -5.46 9.00 -34.53
C VAL A 1392 -4.74 7.66 -34.39
N ASN A 1393 -3.41 7.68 -34.43
CA ASN A 1393 -2.64 6.45 -34.27
C ASN A 1393 -2.91 5.82 -32.91
N VAL A 1394 -3.01 6.65 -31.87
CA VAL A 1394 -3.29 6.12 -30.53
C VAL A 1394 -4.63 5.41 -30.52
N ILE A 1395 -5.62 5.96 -31.22
CA ILE A 1395 -6.93 5.32 -31.27
C ILE A 1395 -6.83 3.97 -31.97
N THR A 1396 -6.15 3.92 -33.13
CA THR A 1396 -6.06 2.67 -33.88
C THR A 1396 -5.29 1.62 -33.08
N MET A 1397 -4.21 2.02 -32.41
CA MET A 1397 -3.45 1.06 -31.61
C MET A 1397 -4.27 0.50 -30.46
N SER A 1398 -5.31 1.20 -30.02
CA SER A 1398 -6.16 0.72 -28.95
C SER A 1398 -7.33 -0.14 -29.45
N MET A 1399 -7.53 -0.25 -30.76
CA MET A 1399 -8.57 -1.10 -31.30
C MET A 1399 -8.20 -2.57 -31.30
N GLU A 1400 -6.93 -2.90 -31.09
CA GLU A 1400 -6.51 -4.29 -31.12
C GLU A 1400 -7.01 -5.03 -29.90
N HIS A 1401 -7.44 -6.27 -30.10
CA HIS A 1401 -7.98 -7.09 -29.02
C HIS A 1401 -7.81 -8.56 -29.41
N TYR A 1402 -8.17 -9.45 -28.48
CA TYR A 1402 -8.01 -10.87 -28.71
C TYR A 1402 -9.04 -11.37 -29.71
N ASN A 1403 -8.59 -12.11 -30.72
CA ASN A 1403 -9.46 -12.72 -31.71
C ASN A 1403 -10.29 -11.66 -32.45
N GLN A 1404 -9.62 -10.62 -32.91
CA GLN A 1404 -10.28 -9.60 -33.70
C GLN A 1404 -10.62 -10.13 -35.09
N PRO A 1405 -11.66 -9.59 -35.72
CA PRO A 1405 -12.02 -10.08 -37.06
C PRO A 1405 -10.93 -9.79 -38.07
N LYS A 1406 -10.83 -10.68 -39.07
CA LYS A 1406 -9.75 -10.56 -40.05
C LYS A 1406 -9.81 -9.24 -40.81
N SER A 1407 -11.03 -8.75 -41.08
CA SER A 1407 -11.16 -7.47 -41.75
C SER A 1407 -10.47 -6.35 -40.98
N LEU A 1408 -10.52 -6.42 -39.64
CA LEU A 1408 -9.86 -5.41 -38.83
C LEU A 1408 -8.34 -5.48 -38.97
N ASP A 1409 -7.77 -6.68 -39.09
CA ASP A 1409 -6.33 -6.80 -39.25
C ASP A 1409 -5.86 -6.09 -40.52
N GLU A 1410 -6.59 -6.29 -41.62
CA GLU A 1410 -6.23 -5.64 -42.88
C GLU A 1410 -6.38 -4.12 -42.77
N ALA A 1411 -7.47 -3.66 -42.15
CA ALA A 1411 -7.69 -2.23 -42.03
C ALA A 1411 -6.60 -1.56 -41.20
N LEU A 1412 -6.24 -2.17 -40.08
CA LEU A 1412 -5.19 -1.60 -39.24
C LEU A 1412 -3.83 -1.63 -39.94
N LYS A 1413 -3.57 -2.66 -40.74
CA LYS A 1413 -2.32 -2.70 -41.48
C LYS A 1413 -2.21 -1.55 -42.46
N TYR A 1414 -3.30 -1.25 -43.17
CA TYR A 1414 -3.29 -0.13 -44.10
C TYR A 1414 -3.12 1.19 -43.36
N CYS A 1415 -3.77 1.33 -42.21
CA CYS A 1415 -3.61 2.55 -41.42
C CYS A 1415 -2.15 2.77 -41.04
N ASN A 1416 -1.42 1.69 -40.78
CA ASN A 1416 0.00 1.81 -40.47
C ASN A 1416 0.77 2.38 -41.66
N TYR A 1417 0.43 1.94 -42.87
CA TYR A 1417 1.12 2.45 -44.06
C TYR A 1417 1.00 3.95 -44.16
N VAL A 1418 -0.20 4.48 -43.93
CA VAL A 1418 -0.42 5.92 -44.07
C VAL A 1418 0.43 6.69 -43.07
N PHE A 1419 0.49 6.21 -41.82
CA PHE A 1419 1.31 6.88 -40.82
C PHE A 1419 2.78 6.85 -41.20
N THR A 1420 3.26 5.71 -41.71
CA THR A 1420 4.68 5.58 -42.02
C THR A 1420 5.10 6.60 -43.08
N ILE A 1421 4.34 6.69 -44.17
CA ILE A 1421 4.71 7.63 -45.24
C ILE A 1421 4.57 9.06 -44.76
N VAL A 1422 3.55 9.33 -43.94
CA VAL A 1422 3.35 10.70 -43.44
C VAL A 1422 4.52 11.12 -42.58
N PHE A 1423 4.99 10.24 -41.70
CA PHE A 1423 6.19 10.54 -40.92
C PHE A 1423 7.40 10.72 -41.84
N VAL A 1424 7.49 9.89 -42.88
CA VAL A 1424 8.62 9.98 -43.80
C VAL A 1424 8.63 11.34 -44.49
N PHE A 1425 7.46 11.82 -44.93
CA PHE A 1425 7.40 13.12 -45.58
C PHE A 1425 7.86 14.23 -44.63
N GLU A 1426 7.46 14.15 -43.37
CA GLU A 1426 7.87 15.17 -42.40
C GLU A 1426 9.39 15.22 -42.30
N ALA A 1427 10.03 14.05 -42.21
CA ALA A 1427 11.49 14.02 -42.17
C ALA A 1427 12.10 14.59 -43.44
N ALA A 1428 11.51 14.26 -44.59
CA ALA A 1428 12.01 14.80 -45.85
C ALA A 1428 11.89 16.31 -45.88
N LEU A 1429 10.72 16.84 -45.51
CA LEU A 1429 10.54 18.29 -45.49
C LEU A 1429 11.45 18.94 -44.46
N LYS A 1430 11.60 18.31 -43.29
CA LYS A 1430 12.45 18.88 -42.25
C LYS A 1430 13.89 18.99 -42.73
N LEU A 1431 14.40 17.95 -43.40
CA LEU A 1431 15.77 17.96 -43.87
C LEU A 1431 16.00 19.11 -44.86
N VAL A 1432 15.06 19.30 -45.79
CA VAL A 1432 15.22 20.36 -46.78
C VAL A 1432 15.20 21.72 -46.12
N ALA A 1433 14.28 21.93 -45.16
CA ALA A 1433 14.13 23.25 -44.56
C ALA A 1433 15.36 23.68 -43.78
N PHE A 1434 15.94 22.76 -43.01
CA PHE A 1434 17.03 23.11 -42.10
C PHE A 1434 18.41 22.70 -42.61
N GLY A 1435 18.49 21.67 -43.43
CA GLY A 1435 19.78 21.15 -43.85
C GLY A 1435 20.22 19.97 -43.00
N PHE A 1436 21.09 19.15 -43.59
CA PHE A 1436 21.46 17.89 -42.96
C PHE A 1436 22.15 18.11 -41.62
N ARG A 1437 23.09 19.06 -41.58
CA ARG A 1437 23.80 19.30 -40.32
C ARG A 1437 22.93 20.03 -39.31
N ARG A 1438 22.18 21.03 -39.75
CA ARG A 1438 21.31 21.77 -38.83
C ARG A 1438 20.19 20.87 -38.28
N PHE A 1439 19.62 20.04 -39.14
CA PHE A 1439 18.49 19.20 -38.72
C PHE A 1439 18.90 18.24 -37.62
N PHE A 1440 20.09 17.65 -37.73
CA PHE A 1440 20.55 16.66 -36.76
C PHE A 1440 20.86 17.25 -35.40
N LYS A 1441 20.89 18.59 -35.28
CA LYS A 1441 21.31 19.21 -34.03
C LYS A 1441 20.30 18.98 -32.92
N ASP A 1442 19.02 19.23 -33.18
CA ASP A 1442 18.00 19.14 -32.14
C ASP A 1442 17.70 17.69 -31.82
N ARG A 1443 17.63 17.36 -30.52
CA ARG A 1443 17.37 15.99 -30.11
C ARG A 1443 16.00 15.51 -30.56
N TRP A 1444 15.01 16.41 -30.61
CA TRP A 1444 13.68 16.01 -31.06
C TRP A 1444 13.72 15.48 -32.48
N ASN A 1445 14.47 16.16 -33.37
CA ASN A 1445 14.60 15.67 -34.73
C ASN A 1445 15.27 14.30 -34.76
N GLN A 1446 16.24 14.06 -33.86
CA GLN A 1446 16.87 12.75 -33.77
C GLN A 1446 15.84 11.69 -33.39
N LEU A 1447 14.95 12.01 -32.46
CA LEU A 1447 13.92 11.06 -32.05
C LEU A 1447 13.02 10.70 -33.24
N ASP A 1448 12.65 11.70 -34.05
CA ASP A 1448 11.88 11.43 -35.25
C ASP A 1448 12.63 10.47 -36.18
N LEU A 1449 13.92 10.72 -36.39
CA LEU A 1449 14.69 9.86 -37.28
C LEU A 1449 14.74 8.43 -36.77
N ALA A 1450 14.92 8.26 -35.45
CA ALA A 1450 14.99 6.92 -34.89
C ALA A 1450 13.68 6.18 -35.06
N ILE A 1451 12.55 6.84 -34.78
CA ILE A 1451 11.27 6.16 -34.84
C ILE A 1451 10.89 5.86 -36.29
N VAL A 1452 11.14 6.81 -37.20
CA VAL A 1452 10.86 6.56 -38.61
C VAL A 1452 11.72 5.40 -39.10
N LEU A 1453 13.01 5.40 -38.73
CA LEU A 1453 13.88 4.28 -39.09
C LEU A 1453 13.37 2.99 -38.46
N LEU A 1454 12.98 3.05 -37.19
CA LEU A 1454 12.43 1.86 -36.53
C LEU A 1454 11.13 1.43 -37.19
N SER A 1455 10.29 2.39 -37.58
CA SER A 1455 9.04 2.05 -38.24
C SER A 1455 9.28 1.31 -39.55
N LEU A 1456 10.27 1.77 -40.32
CA LEU A 1456 10.57 1.11 -41.60
C LEU A 1456 11.01 -0.33 -41.38
N MET A 1457 11.84 -0.57 -40.37
CA MET A 1457 12.24 -1.94 -40.06
C MET A 1457 11.03 -2.79 -39.69
N GLY A 1458 10.12 -2.24 -38.88
CA GLY A 1458 8.96 -3.00 -38.48
C GLY A 1458 8.09 -3.42 -39.65
N ILE A 1459 7.78 -2.46 -40.54
CA ILE A 1459 6.91 -2.77 -41.67
C ILE A 1459 7.62 -3.70 -42.65
N THR A 1460 8.93 -3.56 -42.81
CA THR A 1460 9.66 -4.41 -43.74
C THR A 1460 9.52 -5.88 -43.37
N LEU A 1461 9.74 -6.20 -42.09
CA LEU A 1461 9.69 -7.60 -41.67
C LEU A 1461 8.29 -8.17 -41.78
N GLU A 1462 7.25 -7.34 -41.60
CA GLU A 1462 5.88 -7.83 -41.75
C GLU A 1462 5.64 -8.36 -43.15
N GLU A 1463 6.09 -7.61 -44.17
CA GLU A 1463 5.88 -8.03 -45.55
C GLU A 1463 6.65 -9.31 -45.85
N ILE A 1464 7.88 -9.43 -45.37
CA ILE A 1464 8.63 -10.67 -45.55
C ILE A 1464 7.90 -11.83 -44.89
N GLU A 1465 7.37 -11.61 -43.68
CA GLU A 1465 6.57 -12.63 -43.03
C GLU A 1465 5.39 -13.03 -43.92
N MET A 1466 4.74 -12.06 -44.56
CA MET A 1466 3.69 -12.37 -45.52
C MET A 1466 4.27 -13.15 -46.71
N SER A 1467 5.45 -12.75 -47.17
CA SER A 1467 6.07 -13.40 -48.31
C SER A 1467 6.30 -14.88 -48.03
N ALA A 1468 6.65 -15.61 -49.09
CA ALA A 1468 6.86 -17.05 -48.96
C ALA A 1468 7.98 -17.36 -47.98
N ALA A 1469 9.09 -16.62 -48.07
CA ALA A 1469 10.20 -16.84 -47.15
C ALA A 1469 9.77 -16.53 -45.73
N LEU A 1470 10.10 -17.43 -44.81
CA LEU A 1470 9.81 -17.25 -43.39
C LEU A 1470 11.04 -17.52 -42.53
N PRO A 1471 12.12 -16.76 -42.75
CA PRO A 1471 13.27 -16.85 -41.84
C PRO A 1471 13.14 -16.03 -40.57
N ILE A 1472 12.11 -15.20 -40.46
CA ILE A 1472 11.97 -14.28 -39.35
C ILE A 1472 11.34 -15.02 -38.17
N ASN A 1473 12.12 -15.14 -37.09
CA ASN A 1473 11.59 -15.69 -35.85
C ASN A 1473 10.39 -14.85 -35.38
N PRO A 1474 9.28 -15.47 -35.01
CA PRO A 1474 8.09 -14.66 -34.70
C PRO A 1474 8.21 -13.85 -33.42
N THR A 1475 9.23 -14.10 -32.58
CA THR A 1475 9.50 -13.20 -31.48
C THR A 1475 9.94 -11.84 -32.01
N ILE A 1476 10.74 -11.81 -33.08
CA ILE A 1476 11.20 -10.55 -33.65
C ILE A 1476 10.02 -9.71 -34.13
N ILE A 1477 9.07 -10.35 -34.81
CA ILE A 1477 7.90 -9.62 -35.30
C ILE A 1477 7.13 -9.00 -34.14
N ARG A 1478 6.89 -9.79 -33.09
CA ARG A 1478 6.12 -9.31 -31.96
C ARG A 1478 6.81 -8.14 -31.28
N ILE A 1479 8.13 -8.23 -31.08
CA ILE A 1479 8.85 -7.16 -30.40
C ILE A 1479 8.79 -5.87 -31.22
N MET A 1480 8.93 -5.99 -32.54
CA MET A 1480 8.85 -4.80 -33.39
C MET A 1480 7.48 -4.14 -33.29
N ARG A 1481 6.42 -4.95 -33.26
CA ARG A 1481 5.08 -4.38 -33.12
C ARG A 1481 4.91 -3.65 -31.80
N VAL A 1482 5.40 -4.25 -30.71
CA VAL A 1482 5.28 -3.60 -29.40
C VAL A 1482 6.06 -2.30 -29.39
N LEU A 1483 7.27 -2.29 -29.97
CA LEU A 1483 8.11 -1.10 -29.94
C LEU A 1483 7.56 0.03 -30.80
N ARG A 1484 6.57 -0.23 -31.66
CA ARG A 1484 6.00 0.84 -32.46
C ARG A 1484 5.13 1.80 -31.65
N ILE A 1485 5.06 1.61 -30.33
CA ILE A 1485 4.33 2.55 -29.46
C ILE A 1485 5.18 3.76 -29.11
N ALA A 1486 6.44 3.81 -29.54
CA ALA A 1486 7.29 4.97 -29.29
C ALA A 1486 6.79 6.22 -30.00
N ARG A 1487 5.86 6.08 -30.94
CA ARG A 1487 5.29 7.24 -31.61
C ARG A 1487 4.59 8.18 -30.63
N VAL A 1488 4.14 7.67 -29.48
CA VAL A 1488 3.48 8.50 -28.50
C VAL A 1488 4.45 9.53 -27.92
N LEU A 1489 5.74 9.21 -27.89
CA LEU A 1489 6.72 10.13 -27.31
C LEU A 1489 6.76 11.47 -28.03
N LYS A 1490 6.27 11.53 -29.27
CA LYS A 1490 6.22 12.81 -29.98
C LYS A 1490 5.31 13.79 -29.25
N LEU A 1491 4.17 13.32 -28.75
CA LEU A 1491 3.25 14.20 -28.03
C LEU A 1491 3.95 14.84 -26.84
N LEU A 1492 4.98 14.19 -26.30
CA LEU A 1492 5.72 14.77 -25.18
C LEU A 1492 6.27 16.15 -25.53
N LYS A 1493 6.66 16.36 -26.79
CA LYS A 1493 7.17 17.66 -27.20
C LYS A 1493 6.12 18.75 -27.04
N MET A 1494 4.87 18.45 -27.43
CA MET A 1494 3.80 19.44 -27.32
C MET A 1494 3.49 19.77 -25.86
N ALA A 1495 3.50 18.77 -24.98
CA ALA A 1495 3.11 18.96 -23.58
C ALA A 1495 4.22 19.69 -22.84
N THR A 1496 4.21 21.02 -22.98
CA THR A 1496 5.17 21.84 -22.23
C THR A 1496 4.91 21.73 -20.73
N GLY A 1497 3.64 21.73 -20.33
CA GLY A 1497 3.32 21.66 -18.91
C GLY A 1497 3.83 20.38 -18.27
N MET A 1498 3.58 19.24 -18.91
CA MET A 1498 4.03 17.97 -18.34
C MET A 1498 5.55 17.90 -18.31
N ARG A 1499 6.22 18.38 -19.35
CA ARG A 1499 7.68 18.34 -19.38
C ARG A 1499 8.27 19.12 -18.21
N ALA A 1500 7.71 20.30 -17.92
CA ALA A 1500 8.18 21.06 -16.77
C ALA A 1500 7.97 20.29 -15.47
N LEU A 1501 6.84 19.59 -15.35
CA LEU A 1501 6.59 18.76 -14.18
C LEU A 1501 7.64 17.65 -14.06
N LEU A 1502 7.96 17.01 -15.18
CA LEU A 1502 9.03 16.01 -15.17
C LEU A 1502 10.37 16.66 -14.84
N ASP A 1503 10.60 17.88 -15.34
CA ASP A 1503 11.85 18.58 -15.06
C ASP A 1503 12.07 18.75 -13.56
N THR A 1504 10.99 18.85 -12.78
CA THR A 1504 11.15 19.00 -11.33
C THR A 1504 11.83 17.78 -10.72
N VAL A 1505 11.46 16.58 -11.16
CA VAL A 1505 12.10 15.38 -10.66
C VAL A 1505 13.56 15.33 -11.11
N VAL A 1506 13.83 15.76 -12.34
CA VAL A 1506 15.20 15.73 -12.85
C VAL A 1506 16.10 16.62 -12.01
N GLN A 1507 15.63 17.81 -11.66
CA GLN A 1507 16.45 18.72 -10.85
C GLN A 1507 16.74 18.15 -9.46
N ALA A 1508 15.89 17.27 -8.95
CA ALA A 1508 16.06 16.69 -7.63
C ALA A 1508 16.77 15.33 -7.67
N LEU A 1509 17.21 14.89 -8.85
CA LEU A 1509 17.87 13.59 -8.95
C LEU A 1509 19.08 13.46 -8.04
N PRO A 1510 19.99 14.44 -7.95
CA PRO A 1510 21.16 14.24 -7.06
C PRO A 1510 20.78 13.92 -5.63
N GLN A 1511 19.72 14.53 -5.11
CA GLN A 1511 19.28 14.23 -3.76
C GLN A 1511 18.46 12.94 -3.66
N VAL A 1512 17.96 12.44 -4.80
CA VAL A 1512 17.13 11.24 -4.81
C VAL A 1512 17.96 10.05 -5.27
N GLY A 1513 19.01 10.32 -6.06
CA GLY A 1513 19.84 9.23 -6.54
C GLY A 1513 20.50 8.48 -5.41
N ASN A 1514 20.99 9.20 -4.39
CA ASN A 1514 21.63 8.53 -3.27
C ASN A 1514 20.61 7.79 -2.41
N LEU A 1515 19.42 8.36 -2.23
CA LEU A 1515 18.38 7.64 -1.51
C LEU A 1515 17.98 6.36 -2.22
N GLY A 1516 18.18 6.30 -3.54
CA GLY A 1516 18.02 5.05 -4.24
C GLY A 1516 19.17 4.10 -4.02
N LEU A 1517 20.37 4.63 -3.74
CA LEU A 1517 21.49 3.78 -3.39
C LEU A 1517 21.33 3.19 -2.01
N LEU A 1518 20.82 3.99 -1.05
CA LEU A 1518 20.55 3.46 0.28
C LEU A 1518 19.40 2.47 0.25
N PHE A 1519 18.44 2.66 -0.65
CA PHE A 1519 17.35 1.70 -0.79
C PHE A 1519 17.86 0.34 -1.23
N MET A 1520 18.75 0.32 -2.22
CA MET A 1520 19.28 -0.95 -2.72
C MET A 1520 20.25 -1.57 -1.74
N LEU A 1521 20.95 -0.76 -0.95
CA LEU A 1521 21.81 -1.29 0.09
C LEU A 1521 20.98 -1.94 1.21
N LEU A 1522 19.85 -1.32 1.56
CA LEU A 1522 18.94 -1.92 2.53
C LEU A 1522 18.36 -3.22 1.99
N PHE A 1523 18.00 -3.24 0.71
CA PHE A 1523 17.48 -4.47 0.10
C PHE A 1523 18.52 -5.58 0.14
N PHE A 1524 19.78 -5.25 -0.13
CA PHE A 1524 20.82 -6.27 -0.15
C PHE A 1524 21.01 -6.90 1.22
N ILE A 1525 21.02 -6.09 2.27
CA ILE A 1525 21.27 -6.63 3.62
C ILE A 1525 20.13 -7.54 4.05
N TYR A 1526 18.89 -7.16 3.72
CA TYR A 1526 17.75 -7.96 4.14
C TYR A 1526 17.49 -9.13 3.22
N ALA A 1527 17.79 -9.00 1.92
CA ALA A 1527 17.65 -10.14 1.02
C ALA A 1527 18.66 -11.23 1.37
N ALA A 1528 19.87 -10.84 1.78
CA ALA A 1528 20.86 -11.82 2.22
C ALA A 1528 20.55 -12.34 3.62
N LEU A 1529 19.91 -11.54 4.45
CA LEU A 1529 19.53 -11.98 5.79
C LEU A 1529 18.33 -12.92 5.75
N GLY A 1530 17.36 -12.63 4.87
CA GLY A 1530 16.19 -13.48 4.77
C GLY A 1530 16.53 -14.88 4.32
N VAL A 1531 17.47 -15.01 3.38
CA VAL A 1531 17.86 -16.33 2.89
C VAL A 1531 18.36 -17.19 4.03
N GLU A 1532 19.15 -16.62 4.94
CA GLU A 1532 19.65 -17.37 6.08
C GLU A 1532 18.51 -17.79 7.00
N LEU A 1533 17.53 -16.90 7.21
CA LEU A 1533 16.44 -17.20 8.13
C LEU A 1533 15.40 -18.12 7.49
N PHE A 1534 14.77 -17.67 6.41
CA PHE A 1534 13.64 -18.37 5.80
C PHE A 1534 14.06 -19.16 4.56
N GLY A 1535 15.31 -19.55 4.46
CA GLY A 1535 15.77 -20.25 3.27
C GLY A 1535 15.12 -21.61 3.07
N ARG A 1536 14.86 -22.32 4.16
CA ARG A 1536 14.45 -23.72 4.10
C ARG A 1536 12.96 -23.94 4.30
N LEU A 1537 12.18 -22.89 4.55
CA LEU A 1537 10.75 -23.07 4.73
C LEU A 1537 10.13 -23.67 3.48
N GLU A 1538 9.17 -24.58 3.67
CA GLU A 1538 8.60 -25.36 2.58
C GLU A 1538 7.08 -25.30 2.64
N CYS A 1539 6.46 -25.42 1.47
CA CYS A 1539 5.01 -25.42 1.33
C CYS A 1539 4.56 -26.79 0.84
N SER A 1540 3.62 -27.40 1.56
CA SER A 1540 3.09 -28.70 1.18
C SER A 1540 1.66 -28.81 1.69
N GLU A 1541 0.91 -29.74 1.11
CA GLU A 1541 -0.47 -29.95 1.54
C GLU A 1541 -0.54 -30.32 3.01
N ASP A 1542 0.51 -30.96 3.54
CA ASP A 1542 0.55 -31.27 4.96
C ASP A 1542 0.85 -30.03 5.80
N ASN A 1543 1.67 -29.12 5.29
CA ASN A 1543 2.03 -27.89 5.98
C ASN A 1543 1.85 -26.71 5.02
N PRO A 1544 0.60 -26.38 4.70
CA PRO A 1544 0.35 -25.32 3.72
C PRO A 1544 0.82 -23.96 4.21
N CYS A 1545 1.17 -23.11 3.26
CA CYS A 1545 1.66 -21.76 3.53
C CYS A 1545 0.69 -20.76 2.92
N GLU A 1546 0.41 -19.68 3.66
CA GLU A 1546 -0.60 -18.72 3.26
C GLU A 1546 -0.07 -17.59 2.38
N GLY A 1547 1.21 -17.22 2.53
CA GLY A 1547 1.76 -16.13 1.76
C GLY A 1547 2.85 -16.54 0.80
N LEU A 1548 3.59 -17.59 1.16
CA LEU A 1548 4.65 -18.09 0.29
C LEU A 1548 4.06 -19.00 -0.79
N SER A 1549 4.80 -19.13 -1.89
CA SER A 1549 4.38 -19.96 -3.00
C SER A 1549 5.57 -20.26 -3.90
N ARG A 1550 5.33 -20.81 -5.08
CA ARG A 1550 6.42 -21.03 -6.03
C ARG A 1550 7.07 -19.73 -6.47
N HIS A 1551 6.39 -18.59 -6.31
CA HIS A 1551 6.90 -17.31 -6.78
C HIS A 1551 7.53 -16.48 -5.67
N ALA A 1552 7.10 -16.67 -4.42
CA ALA A 1552 7.60 -15.89 -3.29
C ALA A 1552 8.32 -16.84 -2.34
N THR A 1553 9.64 -16.91 -2.47
CA THR A 1553 10.46 -17.75 -1.61
C THR A 1553 11.77 -17.05 -1.32
N PHE A 1554 12.39 -17.45 -0.21
CA PHE A 1554 13.72 -16.99 0.17
C PHE A 1554 14.79 -18.03 -0.10
N SER A 1555 14.57 -18.88 -1.11
CA SER A 1555 15.50 -19.99 -1.36
C SER A 1555 16.89 -19.49 -1.70
N ASN A 1556 16.99 -18.45 -2.53
CA ASN A 1556 18.27 -17.90 -2.93
C ASN A 1556 18.20 -16.38 -2.86
N PHE A 1557 19.35 -15.73 -3.06
CA PHE A 1557 19.39 -14.28 -2.97
C PHE A 1557 18.51 -13.63 -4.04
N GLY A 1558 18.50 -14.19 -5.24
CA GLY A 1558 17.71 -13.60 -6.30
C GLY A 1558 16.22 -13.58 -5.99
N MET A 1559 15.71 -14.68 -5.43
CA MET A 1559 14.28 -14.74 -5.12
C MET A 1559 13.93 -13.90 -3.89
N ALA A 1560 14.79 -13.92 -2.87
CA ALA A 1560 14.55 -13.09 -1.69
C ALA A 1560 14.52 -11.62 -2.07
N PHE A 1561 15.30 -11.22 -3.07
CA PHE A 1561 15.29 -9.83 -3.52
C PHE A 1561 13.92 -9.47 -4.10
N LEU A 1562 13.31 -10.39 -4.85
CA LEU A 1562 12.01 -10.11 -5.45
C LEU A 1562 10.90 -10.17 -4.41
N THR A 1563 10.99 -11.08 -3.44
CA THR A 1563 9.99 -11.14 -2.38
C THR A 1563 10.00 -9.86 -1.56
N LEU A 1564 11.19 -9.34 -1.25
CA LEU A 1564 11.27 -8.10 -0.47
C LEU A 1564 10.67 -6.92 -1.22
N PHE A 1565 10.76 -6.93 -2.56
CA PHE A 1565 10.11 -5.88 -3.34
C PHE A 1565 8.59 -5.92 -3.15
N ARG A 1566 8.02 -7.13 -3.10
CA ARG A 1566 6.61 -7.28 -2.80
C ARG A 1566 6.30 -6.79 -1.40
N VAL A 1567 7.17 -7.12 -0.43
CA VAL A 1567 6.93 -6.71 0.96
C VAL A 1567 6.96 -5.20 1.08
N SER A 1568 7.85 -4.54 0.33
CA SER A 1568 7.93 -3.09 0.39
C SER A 1568 6.62 -2.44 -0.06
N THR A 1569 6.01 -2.98 -1.11
CA THR A 1569 4.72 -2.48 -1.56
C THR A 1569 3.60 -2.81 -0.57
N GLY A 1570 3.83 -3.75 0.34
CA GLY A 1570 2.82 -4.11 1.32
C GLY A 1570 1.70 -4.96 0.78
N ASP A 1571 1.98 -5.80 -0.21
CA ASP A 1571 0.96 -6.68 -0.80
C ASP A 1571 1.06 -8.04 -0.12
N ASN A 1572 0.15 -8.29 0.82
CA ASN A 1572 0.08 -9.58 1.51
C ASN A 1572 1.42 -9.92 2.17
N TRP A 1573 2.08 -8.91 2.71
CA TRP A 1573 3.27 -9.16 3.52
C TRP A 1573 2.92 -9.81 4.84
N ASN A 1574 1.68 -9.69 5.30
CA ASN A 1574 1.26 -10.35 6.53
C ASN A 1574 1.11 -11.85 6.34
N GLY A 1575 0.73 -12.29 5.14
CA GLY A 1575 0.70 -13.72 4.87
C GLY A 1575 2.08 -14.34 4.92
N ILE A 1576 3.08 -13.65 4.37
CA ILE A 1576 4.45 -14.17 4.41
C ILE A 1576 4.92 -14.32 5.85
N MET A 1577 4.63 -13.33 6.69
CA MET A 1577 5.02 -13.42 8.10
C MET A 1577 4.34 -14.60 8.77
N LYS A 1578 3.06 -14.83 8.45
CA LYS A 1578 2.36 -15.98 9.01
C LYS A 1578 3.12 -17.28 8.75
N ASP A 1579 3.62 -17.45 7.52
CA ASP A 1579 4.29 -18.69 7.16
C ASP A 1579 5.57 -18.91 7.95
N THR A 1580 6.16 -17.86 8.49
CA THR A 1580 7.34 -18.00 9.34
C THR A 1580 6.99 -18.23 10.80
N LEU A 1581 5.79 -17.85 11.23
CA LEU A 1581 5.36 -18.06 12.60
C LEU A 1581 4.81 -19.46 12.85
N ARG A 1582 4.55 -20.23 11.80
CA ARG A 1582 3.95 -21.56 11.97
C ARG A 1582 5.01 -22.58 12.34
N GLU A 1583 4.62 -23.51 13.22
CA GLU A 1583 5.56 -24.45 13.80
C GLU A 1583 6.14 -25.39 12.73
N CYS A 1584 7.39 -25.77 12.92
CA CYS A 1584 8.01 -26.78 12.08
C CYS A 1584 7.43 -28.16 12.37
N SER A 1585 7.51 -29.04 11.37
CA SER A 1585 7.05 -30.40 11.54
C SER A 1585 7.99 -31.17 12.46
N ARG A 1586 7.42 -32.13 13.19
CA ARG A 1586 8.22 -32.91 14.14
C ARG A 1586 9.31 -33.68 13.42
N GLU A 1587 8.98 -34.31 12.29
CA GLU A 1587 9.96 -35.11 11.57
C GLU A 1587 11.05 -34.25 10.95
N ASP A 1588 10.68 -33.06 10.45
CA ASP A 1588 11.64 -32.23 9.72
C ASP A 1588 12.76 -31.78 10.65
N LYS A 1589 13.95 -31.61 10.05
CA LYS A 1589 15.16 -31.23 10.77
C LYS A 1589 15.51 -29.79 10.46
N HIS A 1590 16.65 -29.35 11.01
CA HIS A 1590 17.20 -28.01 10.78
C HIS A 1590 16.11 -26.94 10.76
N CYS A 1591 15.30 -26.94 11.82
CA CYS A 1591 14.29 -25.90 12.05
C CYS A 1591 14.69 -25.11 13.29
N LEU A 1592 14.78 -23.80 13.13
CA LEU A 1592 15.24 -22.92 14.20
C LEU A 1592 14.14 -22.78 15.25
N SER A 1593 14.47 -23.07 16.50
CA SER A 1593 13.47 -23.05 17.56
C SER A 1593 12.93 -21.64 17.77
N TYR A 1594 13.80 -20.64 17.73
CA TYR A 1594 13.44 -19.26 18.03
C TYR A 1594 13.16 -18.42 16.79
N LEU A 1595 12.80 -19.06 15.67
CA LEU A 1595 12.40 -18.29 14.50
C LEU A 1595 11.16 -17.44 14.75
N PRO A 1596 10.10 -17.95 15.40
CA PRO A 1596 8.91 -17.11 15.60
C PRO A 1596 9.17 -15.82 16.35
N ALA A 1597 10.35 -15.66 16.94
CA ALA A 1597 10.70 -14.41 17.63
C ALA A 1597 11.47 -13.44 16.75
N LEU A 1598 12.31 -13.94 15.84
CA LEU A 1598 13.04 -13.06 14.95
C LEU A 1598 12.20 -12.59 13.76
N SER A 1599 11.21 -13.38 13.36
CA SER A 1599 10.42 -13.01 12.18
C SER A 1599 9.71 -11.67 12.35
N PRO A 1600 8.99 -11.41 13.44
CA PRO A 1600 8.34 -10.10 13.56
C PRO A 1600 9.34 -8.95 13.52
N VAL A 1601 10.52 -9.12 14.10
CA VAL A 1601 11.53 -8.07 14.05
C VAL A 1601 12.03 -7.87 12.63
N TYR A 1602 12.17 -8.97 11.87
CA TYR A 1602 12.64 -8.86 10.50
C TYR A 1602 11.68 -8.04 9.65
N PHE A 1603 10.38 -8.27 9.80
CA PHE A 1603 9.41 -7.61 8.93
C PHE A 1603 9.06 -6.21 9.41
N VAL A 1604 9.04 -5.98 10.72
CA VAL A 1604 8.71 -4.64 11.23
C VAL A 1604 9.79 -3.64 10.84
N THR A 1605 11.06 -4.00 11.07
CA THR A 1605 12.14 -3.06 10.80
C THR A 1605 12.26 -2.76 9.31
N PHE A 1606 12.16 -3.78 8.47
CA PHE A 1606 12.23 -3.56 7.03
C PHE A 1606 11.08 -2.68 6.56
N VAL A 1607 9.87 -2.93 7.06
CA VAL A 1607 8.72 -2.15 6.64
C VAL A 1607 8.87 -0.69 7.03
N LEU A 1608 9.32 -0.42 8.27
CA LEU A 1608 9.46 0.96 8.70
C LEU A 1608 10.66 1.64 8.03
N VAL A 1609 11.80 0.95 7.97
CA VAL A 1609 12.99 1.54 7.38
C VAL A 1609 12.78 1.80 5.90
N ALA A 1610 12.17 0.85 5.19
CA ALA A 1610 11.94 1.01 3.76
C ALA A 1610 11.02 2.19 3.49
N GLN A 1611 9.98 2.36 4.32
CA GLN A 1611 9.02 3.44 4.09
C GLN A 1611 9.59 4.80 4.44
N PHE A 1612 10.45 4.88 5.46
CA PHE A 1612 11.06 6.16 5.81
C PHE A 1612 11.92 6.68 4.66
N VAL A 1613 12.67 5.80 4.00
CA VAL A 1613 13.49 6.22 2.87
C VAL A 1613 12.60 6.75 1.75
N LEU A 1614 11.49 6.06 1.46
CA LEU A 1614 10.59 6.51 0.41
C LEU A 1614 9.90 7.81 0.78
N VAL A 1615 9.64 8.03 2.06
CA VAL A 1615 9.04 9.29 2.50
C VAL A 1615 9.98 10.46 2.18
N ASN A 1616 11.28 10.28 2.45
CA ASN A 1616 12.23 11.36 2.23
C ASN A 1616 12.41 11.63 0.74
N VAL A 1617 12.31 10.61 -0.11
CA VAL A 1617 12.38 10.85 -1.54
C VAL A 1617 11.20 11.69 -1.99
N VAL A 1618 10.02 11.49 -1.39
CA VAL A 1618 8.86 12.32 -1.72
C VAL A 1618 9.09 13.74 -1.23
N VAL A 1619 9.70 13.90 -0.06
CA VAL A 1619 9.94 15.24 0.47
C VAL A 1619 11.00 15.96 -0.37
N ALA A 1620 12.04 15.24 -0.80
CA ALA A 1620 13.08 15.87 -1.59
C ALA A 1620 12.52 16.47 -2.87
N VAL A 1621 11.62 15.74 -3.54
CA VAL A 1621 10.96 16.29 -4.72
C VAL A 1621 10.05 17.44 -4.33
N LEU A 1622 9.40 17.35 -3.16
CA LEU A 1622 8.50 18.42 -2.74
C LEU A 1622 9.25 19.72 -2.53
N MET A 1623 10.40 19.68 -1.86
CA MET A 1623 11.17 20.90 -1.64
C MET A 1623 11.63 21.51 -2.95
N LYS A 1624 12.09 20.68 -3.88
CA LYS A 1624 12.54 21.21 -5.16
C LYS A 1624 11.40 21.90 -5.91
N HIS A 1625 10.20 21.32 -5.85
CA HIS A 1625 9.05 21.94 -6.50
C HIS A 1625 8.71 23.29 -5.88
N LEU A 1626 8.74 23.38 -4.54
CA LEU A 1626 8.42 24.63 -3.88
C LEU A 1626 9.42 25.73 -4.24
N GLU A 1627 10.71 25.40 -4.23
CA GLU A 1627 11.74 26.40 -4.48
C GLU A 1627 11.85 26.80 -5.94
N GLU A 1628 11.16 26.09 -6.84
CA GLU A 1628 11.12 26.47 -8.25
C GLU A 1628 9.87 27.26 -8.60
N SER A 1629 9.08 27.66 -7.60
CA SER A 1629 7.87 28.44 -7.83
C SER A 1629 7.56 29.33 -6.64
#